data_7T0T
#
_entry.id   7T0T
#
_cell.length_a   62.592
_cell.length_b   102.549
_cell.length_c   65.028
_cell.angle_alpha   90.000
_cell.angle_beta   115.480
_cell.angle_gamma   90.000
#
_symmetry.space_group_name_H-M   'P 1 21 1'
#
loop_
_entity.id
_entity.type
_entity.pdbx_description
1 polymer 'Isoform 2 of B-cell lymphoma 6 protein'
2 non-polymer 'DIMETHYL SULFOXIDE'
3 non-polymer N-[5-chloro-2-(morpholin-4-yl)pyridin-4-yl]-2-[5-(3-cyano-4-hydroxy-5-methylphenyl)-3-methyl-2-(1-methyl-1H-pyrazol-4-yl)-4-oxo-3,4-dihydro-7H-pyrrolo[2,3-d]pyrimidin-7-yl]acetamide
4 water water
#
_entity_poly.entity_id   1
_entity_poly.type   'polypeptide(L)'
_entity_poly.pdbx_seq_one_letter_code
;GSADSQIQFTRHASDVLLNLNRLRSRDILTDVVIVVSREQFRAHKTVLMACSGLFYSIFTDQLKRNLSVINLDPEINPEG
FNILLDFMYTSRLNLREGNIMAVMATAMYLQMEHVVDTCRKFIKASE
;
_entity_poly.pdbx_strand_id   A,B,C,D,E,F
#
# COMPACT_ATOMS: atom_id res chain seq x y z
N ASP A 4 -2.66 -11.28 -0.73
CA ASP A 4 -3.40 -11.47 0.51
C ASP A 4 -4.62 -10.55 0.52
N SER A 5 -5.63 -10.93 1.31
CA SER A 5 -6.88 -10.20 1.38
C SER A 5 -7.51 -10.41 2.75
N GLN A 6 -8.56 -9.64 3.03
CA GLN A 6 -9.22 -9.68 4.32
C GLN A 6 -10.63 -9.15 4.16
N ILE A 7 -11.45 -9.39 5.17
CA ILE A 7 -12.80 -8.82 5.23
C ILE A 7 -12.72 -7.49 5.94
N GLN A 8 -13.46 -6.50 5.46
CA GLN A 8 -13.50 -5.18 6.08
CA GLN A 8 -13.50 -5.16 6.05
C GLN A 8 -14.94 -4.82 6.38
N PHE A 9 -15.20 -4.44 7.63
CA PHE A 9 -16.53 -4.09 8.10
C PHE A 9 -16.75 -2.59 7.88
N THR A 10 -17.68 -2.25 6.99
CA THR A 10 -17.79 -0.88 6.50
C THR A 10 -18.28 0.09 7.56
N ARG A 11 -18.99 -0.41 8.58
CA ARG A 11 -19.62 0.46 9.61
C ARG A 11 -18.88 0.40 10.96
N HIS A 12 -17.88 -0.47 11.11
CA HIS A 12 -17.17 -0.59 12.37
C HIS A 12 -16.71 0.77 12.90
N ALA A 13 -16.00 1.54 12.07
CA ALA A 13 -15.40 2.78 12.56
C ALA A 13 -16.46 3.75 13.06
N SER A 14 -17.60 3.83 12.36
CA SER A 14 -18.63 4.77 12.77
CA SER A 14 -18.65 4.76 12.76
C SER A 14 -19.24 4.34 14.10
N ASP A 15 -19.40 3.04 14.31
CA ASP A 15 -19.93 2.57 15.59
C ASP A 15 -18.91 2.74 16.72
N VAL A 16 -17.61 2.60 16.43
CA VAL A 16 -16.59 2.90 17.42
C VAL A 16 -16.71 4.36 17.86
N LEU A 17 -16.73 5.27 16.90
CA LEU A 17 -16.84 6.69 17.21
C LEU A 17 -18.09 6.99 18.02
N LEU A 18 -19.23 6.41 17.62
CA LEU A 18 -20.47 6.62 18.36
C LEU A 18 -20.32 6.18 19.81
N ASN A 19 -19.68 5.03 20.02
CA ASN A 19 -19.52 4.55 21.39
C ASN A 19 -18.54 5.42 22.17
N LEU A 20 -17.52 5.94 21.51
CA LEU A 20 -16.65 6.89 22.19
C LEU A 20 -17.41 8.15 22.60
N ASN A 21 -18.31 8.63 21.74
CA ASN A 21 -19.14 9.77 22.09
C ASN A 21 -20.05 9.44 23.26
N ARG A 22 -20.57 8.22 23.31
CA ARG A 22 -21.41 7.83 24.43
C ARG A 22 -20.61 7.84 25.73
N LEU A 23 -19.37 7.33 25.68
CA LEU A 23 -18.50 7.40 26.85
C LEU A 23 -18.23 8.85 27.26
N ARG A 24 -18.02 9.73 26.28
CA ARG A 24 -17.83 11.14 26.63
C ARG A 24 -19.07 11.70 27.32
N SER A 25 -20.25 11.47 26.74
CA SER A 25 -21.48 11.96 27.34
C SER A 25 -21.64 11.46 28.77
N ARG A 26 -21.19 10.24 29.05
CA ARG A 26 -21.21 9.68 30.38
C ARG A 26 -20.02 10.08 31.22
N ASP A 27 -19.06 10.80 30.64
CA ASP A 27 -17.83 11.18 31.34
C ASP A 27 -17.07 9.95 31.81
N ILE A 28 -17.09 8.90 30.99
CA ILE A 28 -16.36 7.68 31.31
C ILE A 28 -14.99 7.74 30.64
N LEU A 29 -13.95 7.62 31.47
CA LEU A 29 -12.56 7.60 31.03
C LEU A 29 -12.14 8.88 30.32
N THR A 30 -12.90 9.95 30.47
CA THR A 30 -12.40 11.25 30.04
C THR A 30 -11.19 11.61 30.91
N ASP A 31 -10.17 12.20 30.29
CA ASP A 31 -8.89 12.41 30.95
C ASP A 31 -8.34 13.81 30.72
N VAL A 32 -9.17 14.75 30.28
CA VAL A 32 -8.73 16.12 30.10
C VAL A 32 -9.92 17.05 30.19
N VAL A 33 -9.69 18.24 30.73
CA VAL A 33 -10.65 19.34 30.72
C VAL A 33 -10.06 20.43 29.85
N ILE A 34 -10.81 20.85 28.82
CA ILE A 34 -10.41 21.95 27.95
C ILE A 34 -11.15 23.20 28.41
N VAL A 35 -10.40 24.20 28.84
CA VAL A 35 -10.98 25.47 29.29
C VAL A 35 -10.99 26.44 28.11
N VAL A 36 -12.17 26.96 27.79
CA VAL A 36 -12.34 27.88 26.66
C VAL A 36 -13.06 29.09 27.23
N SER A 37 -12.30 30.13 27.59
CA SER A 37 -12.85 31.31 28.25
C SER A 37 -13.56 30.91 29.52
N ARG A 38 -14.88 31.05 29.58
CA ARG A 38 -15.65 30.79 30.83
C ARG A 38 -16.20 29.37 30.84
N GLU A 39 -15.94 28.55 29.82
CA GLU A 39 -16.55 27.24 29.72
C GLU A 39 -15.49 26.15 29.86
N GLN A 40 -15.92 24.98 30.32
CA GLN A 40 -15.08 23.81 30.47
C GLN A 40 -15.66 22.66 29.66
N PHE A 41 -14.80 21.95 28.93
CA PHE A 41 -15.23 20.80 28.13
C PHE A 41 -14.37 19.59 28.49
N ARG A 42 -15.02 18.47 28.80
CA ARG A 42 -14.32 17.23 29.14
C ARG A 42 -14.25 16.33 27.92
N ALA A 43 -13.14 15.63 27.79
CA ALA A 43 -12.92 14.82 26.59
C ALA A 43 -11.81 13.80 26.80
N HIS A 44 -11.64 12.96 25.78
CA HIS A 44 -10.56 11.97 25.73
C HIS A 44 -9.42 12.55 24.90
N LYS A 45 -8.23 12.58 25.48
CA LYS A 45 -7.08 13.06 24.72
C LYS A 45 -6.95 12.32 23.39
N THR A 46 -7.12 10.99 23.39
CA THR A 46 -6.92 10.20 22.17
C THR A 46 -7.78 10.73 21.03
N VAL A 47 -9.05 11.03 21.31
CA VAL A 47 -9.91 11.56 20.25
C VAL A 47 -9.44 12.94 19.83
N LEU A 48 -9.08 13.79 20.81
CA LEU A 48 -8.56 15.12 20.48
C LEU A 48 -7.33 15.03 19.58
N MET A 49 -6.41 14.12 19.92
CA MET A 49 -5.20 13.95 19.10
C MET A 49 -5.54 13.45 17.71
N ALA A 50 -6.55 12.59 17.60
CA ALA A 50 -6.92 12.00 16.33
C ALA A 50 -7.62 12.99 15.41
N CYS A 51 -8.05 14.15 15.92
CA CYS A 51 -8.87 15.07 15.14
C CYS A 51 -8.27 16.45 14.96
N SER A 52 -7.19 16.78 15.66
CA SER A 52 -6.68 18.15 15.74
C SER A 52 -5.17 18.17 15.72
N GLY A 53 -4.61 18.98 14.84
CA GLY A 53 -3.17 19.13 14.80
C GLY A 53 -2.63 19.80 16.06
N LEU A 54 -3.38 20.74 16.60
CA LEU A 54 -2.97 21.37 17.85
C LEU A 54 -2.93 20.36 18.99
N PHE A 55 -4.00 19.59 19.16
CA PHE A 55 -4.05 18.67 20.29
C PHE A 55 -3.03 17.55 20.11
N TYR A 56 -2.83 17.09 18.88
CA TYR A 56 -1.79 16.08 18.66
C TYR A 56 -0.44 16.63 19.08
N SER A 57 -0.13 17.86 18.68
CA SER A 57 1.17 18.45 19.03
CA SER A 57 1.17 18.44 19.03
C SER A 57 1.30 18.59 20.54
N ILE A 58 0.26 19.10 21.20
CA ILE A 58 0.33 19.26 22.66
C ILE A 58 0.59 17.92 23.33
N PHE A 59 -0.29 16.94 23.10
CA PHE A 59 -0.28 15.70 23.85
C PHE A 59 0.80 14.73 23.37
N THR A 60 1.48 15.00 22.26
CA THR A 60 2.63 14.17 21.91
C THR A 60 3.76 14.33 22.91
N ASP A 61 3.71 15.37 23.74
CA ASP A 61 4.60 15.51 24.89
C ASP A 61 3.97 14.81 26.09
N GLN A 62 4.66 13.79 26.64
CA GLN A 62 4.09 13.07 27.77
C GLN A 62 3.85 13.99 28.95
N LEU A 63 4.65 15.06 29.08
CA LEU A 63 4.45 16.02 30.16
C LEU A 63 3.26 16.93 29.89
N LYS A 64 3.01 17.26 28.61
CA LYS A 64 1.76 17.92 28.25
C LYS A 64 0.59 16.95 28.32
N ARG A 65 0.84 15.68 28.01
CA ARG A 65 -0.14 14.62 28.13
C ARG A 65 -0.48 14.32 29.58
N ASN A 66 0.42 14.64 30.50
CA ASN A 66 0.11 14.48 31.92
C ASN A 66 -0.88 15.52 32.40
N LEU A 67 -0.86 16.71 31.80
CA LEU A 67 -1.78 17.76 32.22
C LEU A 67 -3.22 17.27 32.10
N SER A 68 -4.03 17.63 33.07
CA SER A 68 -5.46 17.33 33.04
C SER A 68 -6.31 18.55 32.70
N VAL A 69 -5.72 19.74 32.72
CA VAL A 69 -6.44 20.97 32.39
C VAL A 69 -5.64 21.71 31.32
N ILE A 70 -6.28 21.97 30.18
CA ILE A 70 -5.67 22.71 29.09
C ILE A 70 -6.49 23.97 28.87
N ASN A 71 -5.83 25.13 28.93
CA ASN A 71 -6.46 26.41 28.63
C ASN A 71 -6.21 26.76 27.17
N LEU A 72 -7.27 26.92 26.40
CA LEU A 72 -7.08 27.41 25.04
C LEU A 72 -6.84 28.91 25.05
N ASP A 73 -6.33 29.42 23.92
CA ASP A 73 -6.18 30.85 23.73
CA ASP A 73 -6.19 30.86 23.70
C ASP A 73 -7.47 31.55 24.17
N PRO A 74 -7.37 32.59 25.01
CA PRO A 74 -8.60 33.22 25.52
C PRO A 74 -9.47 33.82 24.45
N GLU A 75 -8.95 34.02 23.23
CA GLU A 75 -9.72 34.61 22.16
C GLU A 75 -10.61 33.60 21.43
N ILE A 76 -10.54 32.33 21.78
CA ILE A 76 -11.31 31.30 21.11
C ILE A 76 -12.72 31.28 21.66
N ASN A 77 -13.71 31.22 20.77
CA ASN A 77 -15.12 31.26 21.14
C ASN A 77 -15.57 29.91 21.69
N PRO A 78 -16.15 29.87 22.89
CA PRO A 78 -16.60 28.57 23.43
C PRO A 78 -17.62 27.86 22.54
N GLU A 79 -18.58 28.60 21.97
CA GLU A 79 -19.56 27.96 21.09
C GLU A 79 -18.89 27.33 19.89
N GLY A 80 -17.88 27.99 19.33
CA GLY A 80 -17.12 27.42 18.23
C GLY A 80 -16.44 26.12 18.64
N PHE A 81 -15.84 26.11 19.83
CA PHE A 81 -15.17 24.90 20.27
C PHE A 81 -16.18 23.78 20.49
N ASN A 82 -17.31 24.10 21.11
CA ASN A 82 -18.34 23.08 21.36
C ASN A 82 -18.80 22.44 20.05
N ILE A 83 -18.96 23.24 19.00
CA ILE A 83 -19.38 22.70 17.70
C ILE A 83 -18.31 21.75 17.16
N LEU A 84 -17.04 22.13 17.31
CA LEU A 84 -15.98 21.28 16.77
C LEU A 84 -15.78 20.03 17.62
N LEU A 85 -15.98 20.13 18.94
CA LEU A 85 -15.90 18.94 19.78
C LEU A 85 -17.01 17.94 19.40
N ASP A 86 -18.24 18.41 19.25
CA ASP A 86 -19.31 17.53 18.78
C ASP A 86 -18.93 16.89 17.45
N PHE A 87 -18.38 17.70 16.54
CA PHE A 87 -17.96 17.18 15.25
C PHE A 87 -16.94 16.06 15.41
N MET A 88 -15.95 16.26 16.27
CA MET A 88 -14.90 15.26 16.43
C MET A 88 -15.47 13.91 16.76
N TYR A 89 -16.52 13.88 17.58
CA TYR A 89 -17.13 12.66 18.09
C TYR A 89 -18.30 12.16 17.27
N THR A 90 -18.70 12.87 16.22
CA THR A 90 -19.90 12.48 15.46
C THR A 90 -19.70 12.42 13.96
N SER A 91 -18.68 13.07 13.41
CA SER A 91 -18.45 13.22 11.97
C SER A 91 -19.35 14.29 11.36
N ARG A 92 -20.20 14.94 12.15
CA ARG A 92 -21.20 15.88 11.65
C ARG A 92 -20.92 17.27 12.20
N LEU A 93 -21.01 18.27 11.32
CA LEU A 93 -20.71 19.64 11.65
C LEU A 93 -21.96 20.49 11.47
N ASN A 94 -22.33 21.20 12.53
CA ASN A 94 -23.50 22.08 12.50
C ASN A 94 -23.04 23.47 12.07
N LEU A 95 -22.98 23.71 10.77
CA LEU A 95 -22.50 24.96 10.21
C LEU A 95 -23.69 25.84 9.82
N ARG A 96 -23.73 27.05 10.35
CA ARG A 96 -24.80 28.00 10.09
C ARG A 96 -24.21 29.38 9.86
N GLU A 97 -25.02 30.27 9.30
CA GLU A 97 -24.58 31.65 9.14
C GLU A 97 -24.26 32.27 10.50
N GLY A 98 -24.99 31.89 11.53
CA GLY A 98 -24.77 32.44 12.86
C GLY A 98 -23.51 31.96 13.54
N ASN A 99 -22.92 30.86 13.07
CA ASN A 99 -21.74 30.31 13.73
C ASN A 99 -20.56 30.06 12.81
N ILE A 100 -20.69 30.33 11.51
CA ILE A 100 -19.62 29.99 10.57
C ILE A 100 -18.31 30.64 10.97
N MET A 101 -18.35 31.92 11.36
CA MET A 101 -17.12 32.64 11.67
C MET A 101 -16.43 32.03 12.89
N ALA A 102 -17.21 31.65 13.91
CA ALA A 102 -16.60 31.06 15.11
C ALA A 102 -16.03 29.68 14.81
N VAL A 103 -16.75 28.89 14.01
CA VAL A 103 -16.27 27.55 13.68
C VAL A 103 -14.96 27.64 12.90
N MET A 104 -14.91 28.53 11.92
CA MET A 104 -13.72 28.62 11.07
C MET A 104 -12.50 29.06 11.87
N ALA A 105 -12.63 30.15 12.62
CA ALA A 105 -11.52 30.61 13.45
C ALA A 105 -11.08 29.51 14.42
N THR A 106 -12.04 28.80 15.03
CA THR A 106 -11.66 27.75 15.96
C THR A 106 -11.02 26.58 15.24
N ALA A 107 -11.59 26.22 14.08
CA ALA A 107 -11.04 25.12 13.29
C ALA A 107 -9.62 25.44 12.85
N MET A 108 -9.38 26.69 12.46
CA MET A 108 -8.01 27.07 12.11
C MET A 108 -7.09 26.96 13.31
N TYR A 109 -7.54 27.40 14.49
CA TYR A 109 -6.73 27.33 15.71
C TYR A 109 -6.43 25.89 16.08
N LEU A 110 -7.43 25.01 16.02
CA LEU A 110 -7.22 23.62 16.36
C LEU A 110 -6.50 22.86 15.25
N GLN A 111 -6.22 23.49 14.10
CA GLN A 111 -5.57 22.85 12.97
C GLN A 111 -6.37 21.65 12.46
N MET A 112 -7.58 21.95 11.99
CA MET A 112 -8.50 20.97 11.40
C MET A 112 -8.81 21.42 9.99
N GLU A 113 -8.03 20.91 9.03
CA GLU A 113 -8.05 21.47 7.69
C GLU A 113 -9.39 21.28 7.01
N HIS A 114 -9.96 20.07 7.09
CA HIS A 114 -11.17 19.78 6.35
C HIS A 114 -12.30 20.71 6.76
N VAL A 115 -12.44 20.99 8.06
CA VAL A 115 -13.49 21.92 8.49
C VAL A 115 -13.21 23.32 7.96
N VAL A 116 -11.95 23.76 8.07
CA VAL A 116 -11.60 25.09 7.56
C VAL A 116 -12.01 25.23 6.10
N ASP A 117 -11.59 24.27 5.27
CA ASP A 117 -11.93 24.35 3.84
C ASP A 117 -13.42 24.21 3.61
N THR A 118 -14.11 23.40 4.42
CA THR A 118 -15.57 23.37 4.35
C THR A 118 -16.16 24.75 4.65
N CYS A 119 -15.63 25.45 5.65
CA CYS A 119 -16.11 26.78 5.96
C CYS A 119 -15.85 27.72 4.79
N ARG A 120 -14.69 27.59 4.13
CA ARG A 120 -14.40 28.39 2.95
C ARG A 120 -15.45 28.17 1.87
N LYS A 121 -15.75 26.91 1.57
CA LYS A 121 -16.79 26.62 0.58
C LYS A 121 -18.13 27.18 1.03
N PHE A 122 -18.43 27.11 2.32
CA PHE A 122 -19.68 27.65 2.85
C PHE A 122 -19.76 29.15 2.62
N ILE A 123 -18.67 29.87 2.92
CA ILE A 123 -18.66 31.32 2.77
C ILE A 123 -18.81 31.73 1.32
N LYS A 124 -18.28 30.93 0.39
CA LYS A 124 -18.48 31.22 -1.02
C LYS A 124 -19.95 31.06 -1.40
N ALA A 125 -20.58 29.97 -0.98
CA ALA A 125 -21.97 29.71 -1.34
C ALA A 125 -22.90 30.81 -0.83
N SER A 126 -22.56 31.43 0.29
CA SER A 126 -23.40 32.49 0.87
C SER A 126 -23.17 33.82 0.16
N SER B 5 -29.66 21.32 9.62
CA SER B 5 -28.71 21.27 8.50
C SER B 5 -27.30 21.01 9.01
N GLN B 6 -26.72 19.90 8.61
CA GLN B 6 -25.39 19.48 9.03
C GLN B 6 -24.60 19.03 7.81
N ILE B 7 -23.28 18.99 7.98
CA ILE B 7 -22.37 18.48 6.96
C ILE B 7 -21.80 17.16 7.45
N GLN B 8 -21.91 16.13 6.63
CA GLN B 8 -21.48 14.79 6.96
C GLN B 8 -20.10 14.56 6.33
N PHE B 9 -19.12 14.21 7.16
CA PHE B 9 -17.78 13.91 6.71
C PHE B 9 -17.69 12.39 6.62
N THR B 10 -17.71 11.87 5.38
CA THR B 10 -17.90 10.44 5.19
C THR B 10 -16.76 9.61 5.75
N ARG B 11 -15.52 10.12 5.71
N ARG B 11 -15.53 10.12 5.72
CA ARG B 11 -14.36 9.35 6.12
CA ARG B 11 -14.36 9.36 6.12
C ARG B 11 -13.86 9.72 7.52
C ARG B 11 -13.85 9.74 7.51
N HIS B 12 -14.58 10.59 8.24
CA HIS B 12 -14.07 11.06 9.52
C HIS B 12 -13.84 9.91 10.49
N ALA B 13 -14.90 9.14 10.77
CA ALA B 13 -14.78 8.03 11.71
C ALA B 13 -13.62 7.12 11.34
N SER B 14 -13.55 6.70 10.08
CA SER B 14 -12.47 5.82 9.64
CA SER B 14 -12.47 5.83 9.64
C SER B 14 -11.10 6.50 9.83
N ASP B 15 -11.04 7.81 9.58
CA ASP B 15 -9.78 8.52 9.79
C ASP B 15 -9.43 8.58 11.27
N VAL B 16 -10.42 8.78 12.14
CA VAL B 16 -10.17 8.77 13.57
C VAL B 16 -9.60 7.41 13.99
N LEU B 17 -10.19 6.33 13.50
CA LEU B 17 -9.73 5.01 13.92
C LEU B 17 -8.31 4.76 13.44
N LEU B 18 -7.99 5.17 12.21
CA LEU B 18 -6.62 5.08 11.73
C LEU B 18 -5.66 5.73 12.71
N ASN B 19 -5.98 6.95 13.14
CA ASN B 19 -5.08 7.67 14.04
C ASN B 19 -5.01 7.00 15.40
N LEU B 20 -6.12 6.43 15.86
CA LEU B 20 -6.08 5.69 17.12
C LEU B 20 -5.16 4.49 17.01
N ASN B 21 -5.18 3.80 15.85
CA ASN B 21 -4.26 2.69 15.63
C ASN B 21 -2.83 3.19 15.54
N ARG B 22 -2.64 4.36 14.93
CA ARG B 22 -1.32 4.98 14.94
C ARG B 22 -0.83 5.20 16.37
N LEU B 23 -1.69 5.74 17.23
CA LEU B 23 -1.31 5.92 18.62
C LEU B 23 -0.99 4.58 19.29
N ARG B 24 -1.79 3.56 19.00
CA ARG B 24 -1.51 2.25 19.58
C ARG B 24 -0.14 1.74 19.16
N SER B 25 0.20 1.87 17.86
CA SER B 25 1.47 1.34 17.38
C SER B 25 2.65 1.95 18.11
N ARG B 26 2.55 3.21 18.53
N ARG B 26 2.54 3.21 18.53
CA ARG B 26 3.61 3.89 19.27
CA ARG B 26 3.59 3.91 19.26
C ARG B 26 3.38 3.87 20.77
C ARG B 26 3.32 3.94 20.75
N ASP B 27 2.33 3.19 21.22
CA ASP B 27 2.03 3.06 22.65
C ASP B 27 1.80 4.42 23.30
N ILE B 28 0.97 5.24 22.66
CA ILE B 28 0.66 6.57 23.16
C ILE B 28 -0.71 6.52 23.81
N LEU B 29 -0.76 6.85 25.10
CA LEU B 29 -1.99 6.92 25.88
C LEU B 29 -2.66 5.57 26.06
N THR B 30 -1.97 4.48 25.73
CA THR B 30 -2.47 3.17 26.12
C THR B 30 -2.50 3.07 27.63
N ASP B 31 -3.62 2.57 28.16
CA ASP B 31 -3.87 2.57 29.59
C ASP B 31 -4.26 1.19 30.11
N VAL B 32 -4.11 0.15 29.31
CA VAL B 32 -4.36 -1.20 29.80
C VAL B 32 -3.47 -2.17 29.02
N VAL B 33 -3.01 -3.21 29.72
CA VAL B 33 -2.31 -4.33 29.12
C VAL B 33 -3.23 -5.55 29.25
N ILE B 34 -3.62 -6.13 28.13
CA ILE B 34 -4.39 -7.38 28.12
C ILE B 34 -3.40 -8.54 28.06
N VAL B 35 -3.47 -9.43 29.05
CA VAL B 35 -2.62 -10.61 29.11
C VAL B 35 -3.43 -11.80 28.64
N VAL B 36 -2.95 -12.46 27.58
CA VAL B 36 -3.60 -13.64 27.03
C VAL B 36 -2.55 -14.74 27.06
N SER B 37 -2.66 -15.65 28.02
CA SER B 37 -1.70 -16.73 28.18
C SER B 37 -0.28 -16.18 28.19
N ARG B 38 0.46 -16.36 27.12
CA ARG B 38 1.87 -16.02 27.10
C ARG B 38 2.16 -14.66 26.50
N GLU B 39 1.15 -13.95 26.00
CA GLU B 39 1.37 -12.69 25.28
C GLU B 39 0.77 -11.51 26.02
N GLN B 40 1.41 -10.36 25.87
CA GLN B 40 0.92 -9.09 26.37
C GLN B 40 0.39 -8.28 25.20
N PHE B 41 -0.72 -7.56 25.41
CA PHE B 41 -1.26 -6.65 24.41
C PHE B 41 -1.63 -5.33 25.08
N ARG B 42 -1.15 -4.23 24.52
N ARG B 42 -1.15 -4.23 24.52
CA ARG B 42 -1.47 -2.89 25.02
CA ARG B 42 -1.47 -2.90 25.02
C ARG B 42 -2.56 -2.29 24.14
C ARG B 42 -2.54 -2.27 24.14
N ALA B 43 -3.46 -1.53 24.75
CA ALA B 43 -4.55 -0.91 24.02
C ALA B 43 -5.11 0.24 24.83
N HIS B 44 -6.12 0.91 24.24
CA HIS B 44 -6.87 1.97 24.90
C HIS B 44 -8.16 1.38 25.45
N LYS B 45 -8.39 1.59 26.75
CA LYS B 45 -9.62 1.09 27.35
C LYS B 45 -10.86 1.56 26.58
N THR B 46 -10.88 2.83 26.18
CA THR B 46 -12.04 3.37 25.48
C THR B 46 -12.33 2.55 24.23
N VAL B 47 -11.30 2.26 23.43
CA VAL B 47 -11.53 1.49 22.20
C VAL B 47 -12.03 0.11 22.54
N LEU B 48 -11.43 -0.54 23.54
CA LEU B 48 -11.90 -1.85 23.96
C LEU B 48 -13.37 -1.81 24.33
N MET B 49 -13.78 -0.82 25.13
CA MET B 49 -15.18 -0.70 25.51
C MET B 49 -16.05 -0.45 24.30
N ALA B 50 -15.54 0.29 23.31
CA ALA B 50 -16.35 0.61 22.15
C ALA B 50 -16.57 -0.58 21.25
N CYS B 51 -15.76 -1.64 21.37
CA CYS B 51 -15.81 -2.73 20.42
C CYS B 51 -16.17 -4.09 21.02
N SER B 52 -16.28 -4.22 22.34
CA SER B 52 -16.50 -5.53 22.96
C SER B 52 -17.45 -5.41 24.13
N GLY B 53 -18.40 -6.34 24.22
CA GLY B 53 -19.31 -6.34 25.36
C GLY B 53 -18.62 -6.76 26.65
N LEU B 54 -17.67 -7.68 26.56
CA LEU B 54 -16.92 -8.06 27.75
C LEU B 54 -16.19 -6.85 28.34
N PHE B 55 -15.46 -6.13 27.50
CA PHE B 55 -14.69 -5.00 28.01
C PHE B 55 -15.60 -3.85 28.45
N TYR B 56 -16.70 -3.62 27.73
CA TYR B 56 -17.70 -2.65 28.17
C TYR B 56 -18.19 -2.99 29.56
N SER B 57 -18.41 -4.29 29.83
CA SER B 57 -18.91 -4.72 31.12
CA SER B 57 -18.91 -4.72 31.13
C SER B 57 -17.85 -4.55 32.20
N ILE B 58 -16.64 -5.02 31.92
CA ILE B 58 -15.55 -4.96 32.89
C ILE B 58 -15.31 -3.52 33.33
N PHE B 59 -15.14 -2.62 32.37
CA PHE B 59 -14.68 -1.27 32.65
C PHE B 59 -15.80 -0.34 33.10
N THR B 60 -17.02 -0.84 33.26
CA THR B 60 -18.08 -0.09 33.92
C THR B 60 -18.56 -0.76 35.20
N ASP B 61 -17.92 -1.85 35.62
CA ASP B 61 -18.28 -2.54 36.84
C ASP B 61 -17.29 -2.17 37.95
N GLN B 62 -17.82 -2.07 39.18
CA GLN B 62 -17.04 -1.57 40.30
C GLN B 62 -15.89 -2.49 40.69
N LEU B 63 -15.82 -3.69 40.12
CA LEU B 63 -14.79 -4.65 40.50
C LEU B 63 -13.49 -4.46 39.72
N LYS B 64 -13.58 -4.22 38.42
CA LYS B 64 -12.42 -4.24 37.55
C LYS B 64 -12.24 -2.94 36.76
N ARG B 65 -12.98 -1.88 37.09
CA ARG B 65 -13.03 -0.71 36.23
C ARG B 65 -11.67 -0.04 36.08
N ASN B 66 -10.88 0.00 37.14
CA ASN B 66 -9.64 0.78 37.15
C ASN B 66 -8.40 -0.08 36.94
N LEU B 67 -8.55 -1.38 36.73
CA LEU B 67 -7.40 -2.24 36.50
C LEU B 67 -6.62 -1.78 35.26
N SER B 68 -5.30 -1.84 35.35
CA SER B 68 -4.43 -1.53 34.22
C SER B 68 -3.85 -2.78 33.56
N VAL B 69 -4.07 -3.95 34.15
CA VAL B 69 -3.60 -5.21 33.59
C VAL B 69 -4.73 -6.22 33.74
N ILE B 70 -5.25 -6.72 32.62
CA ILE B 70 -6.41 -7.60 32.60
C ILE B 70 -5.96 -8.96 32.08
N ASN B 71 -6.31 -10.03 32.80
CA ASN B 71 -5.99 -11.39 32.39
C ASN B 71 -7.24 -12.05 31.84
N LEU B 72 -7.21 -12.38 30.56
CA LEU B 72 -8.34 -13.07 29.98
C LEU B 72 -8.37 -14.52 30.45
N ASP B 73 -9.54 -15.13 30.29
CA ASP B 73 -9.71 -16.52 30.68
CA ASP B 73 -9.71 -16.52 30.68
C ASP B 73 -8.63 -17.38 30.04
N PRO B 74 -8.06 -18.35 30.76
CA PRO B 74 -6.98 -19.17 30.18
C PRO B 74 -7.32 -19.81 28.85
N GLU B 75 -8.59 -20.14 28.61
CA GLU B 75 -8.96 -20.84 27.38
C GLU B 75 -8.81 -19.98 26.13
N ILE B 76 -8.66 -18.66 26.28
CA ILE B 76 -8.47 -17.78 25.13
C ILE B 76 -7.02 -17.87 24.70
N ASN B 77 -6.79 -17.97 23.39
CA ASN B 77 -5.42 -18.07 22.89
C ASN B 77 -4.98 -16.76 22.26
N PRO B 78 -3.66 -16.47 22.31
CA PRO B 78 -3.20 -15.14 21.87
C PRO B 78 -3.42 -14.87 20.40
N GLU B 79 -3.33 -15.89 19.54
CA GLU B 79 -3.50 -15.67 18.11
C GLU B 79 -4.90 -15.13 17.82
N GLY B 80 -5.92 -15.72 18.43
CA GLY B 80 -7.26 -15.22 18.20
C GLY B 80 -7.44 -13.81 18.74
N PHE B 81 -6.91 -13.53 19.92
CA PHE B 81 -7.09 -12.19 20.47
C PHE B 81 -6.37 -11.14 19.63
N ASN B 82 -5.15 -11.43 19.19
CA ASN B 82 -4.43 -10.52 18.31
C ASN B 82 -5.27 -10.19 17.08
N ILE B 83 -5.94 -11.19 16.51
CA ILE B 83 -6.74 -10.95 15.32
C ILE B 83 -7.88 -10.00 15.63
N LEU B 84 -8.58 -10.24 16.74
CA LEU B 84 -9.73 -9.42 17.07
C LEU B 84 -9.31 -8.04 17.52
N LEU B 85 -8.15 -7.93 18.19
CA LEU B 85 -7.65 -6.63 18.61
C LEU B 85 -7.29 -5.77 17.40
N ASP B 86 -6.64 -6.38 16.41
CA ASP B 86 -6.34 -5.66 15.17
C ASP B 86 -7.61 -5.25 14.46
N PHE B 87 -8.61 -6.14 14.44
CA PHE B 87 -9.91 -5.77 13.88
C PHE B 87 -10.47 -4.52 14.58
N MET B 88 -10.39 -4.49 15.91
CA MET B 88 -10.93 -3.35 16.66
C MET B 88 -10.37 -2.05 16.13
N TYR B 89 -9.08 -2.03 15.82
CA TYR B 89 -8.41 -0.80 15.45
C TYR B 89 -8.36 -0.58 13.95
N THR B 90 -8.85 -1.52 13.15
CA THR B 90 -8.77 -1.40 11.70
C THR B 90 -10.05 -1.67 10.95
N SER B 91 -11.02 -2.37 11.56
CA SER B 91 -12.25 -2.84 10.92
C SER B 91 -11.98 -4.00 9.97
N ARG B 92 -10.77 -4.53 9.94
CA ARG B 92 -10.40 -5.59 9.01
C ARG B 92 -10.16 -6.90 9.76
N LEU B 93 -10.65 -7.99 9.17
CA LEU B 93 -10.59 -9.31 9.78
C LEU B 93 -10.09 -10.32 8.76
N ASN B 94 -8.97 -10.95 9.05
CA ASN B 94 -8.41 -11.98 8.17
C ASN B 94 -8.96 -13.33 8.63
N LEU B 95 -9.93 -13.87 7.89
CA LEU B 95 -10.63 -15.09 8.26
C LEU B 95 -10.26 -16.20 7.29
N ARG B 96 -9.92 -17.36 7.84
CA ARG B 96 -9.58 -18.53 7.05
C ARG B 96 -9.99 -19.77 7.81
N GLU B 97 -10.11 -20.88 7.08
CA GLU B 97 -10.51 -22.14 7.71
C GLU B 97 -9.53 -22.56 8.81
N GLY B 98 -8.29 -22.10 8.76
CA GLY B 98 -7.32 -22.48 9.77
C GLY B 98 -7.34 -21.67 11.07
N ASN B 99 -8.03 -20.52 11.08
CA ASN B 99 -8.14 -19.74 12.31
C ASN B 99 -9.58 -19.44 12.71
N ILE B 100 -10.57 -19.87 11.93
CA ILE B 100 -11.97 -19.54 12.21
C ILE B 100 -12.36 -20.03 13.60
N MET B 101 -11.95 -21.24 13.96
CA MET B 101 -12.26 -21.74 15.30
C MET B 101 -11.81 -20.75 16.38
N ALA B 102 -10.54 -20.34 16.33
CA ALA B 102 -10.03 -19.44 17.36
C ALA B 102 -10.70 -18.06 17.27
N VAL B 103 -10.88 -17.55 16.04
CA VAL B 103 -11.49 -16.24 15.89
C VAL B 103 -12.90 -16.23 16.46
N MET B 104 -13.70 -17.24 16.11
CA MET B 104 -15.08 -17.28 16.56
C MET B 104 -15.17 -17.42 18.09
N ALA B 105 -14.37 -18.30 18.68
CA ALA B 105 -14.42 -18.49 20.12
C ALA B 105 -13.99 -17.22 20.86
N THR B 106 -12.95 -16.55 20.36
CA THR B 106 -12.51 -15.31 20.99
C THR B 106 -13.58 -14.25 20.87
N ALA B 107 -14.21 -14.14 19.70
CA ALA B 107 -15.24 -13.12 19.51
C ALA B 107 -16.45 -13.37 20.39
N MET B 108 -16.86 -14.63 20.54
CA MET B 108 -17.95 -14.95 21.45
C MET B 108 -17.58 -14.57 22.88
N TYR B 109 -16.34 -14.88 23.29
CA TYR B 109 -15.88 -14.53 24.62
C TYR B 109 -15.82 -13.02 24.81
N LEU B 110 -15.32 -12.30 23.80
CA LEU B 110 -15.28 -10.84 23.88
C LEU B 110 -16.64 -10.20 23.65
N GLN B 111 -17.63 -10.98 23.19
CA GLN B 111 -19.00 -10.50 22.97
C GLN B 111 -19.06 -9.48 21.83
N MET B 112 -18.70 -9.97 20.65
CA MET B 112 -18.57 -9.15 19.44
C MET B 112 -19.39 -9.88 18.37
N GLU B 113 -20.68 -9.58 18.32
CA GLU B 113 -21.61 -10.40 17.57
C GLU B 113 -21.33 -10.35 16.07
N HIS B 114 -20.95 -9.19 15.54
CA HIS B 114 -20.75 -9.09 14.09
C HIS B 114 -19.69 -10.09 13.62
N VAL B 115 -18.56 -10.17 14.32
CA VAL B 115 -17.54 -11.15 13.96
C VAL B 115 -18.09 -12.56 14.13
N VAL B 116 -18.80 -12.81 15.24
CA VAL B 116 -19.40 -14.12 15.44
C VAL B 116 -20.31 -14.47 14.27
N ASP B 117 -21.24 -13.56 13.94
CA ASP B 117 -22.13 -13.78 12.81
C ASP B 117 -21.34 -14.10 11.54
N THR B 118 -20.33 -13.27 11.24
CA THR B 118 -19.55 -13.51 10.04
C THR B 118 -18.85 -14.87 10.10
N CYS B 119 -18.39 -15.27 11.29
CA CYS B 119 -17.79 -16.59 11.43
C CYS B 119 -18.81 -17.68 11.12
N ARG B 120 -20.00 -17.56 11.70
CA ARG B 120 -21.05 -18.56 11.45
C ARG B 120 -21.32 -18.69 9.96
N LYS B 121 -21.40 -17.57 9.25
CA LYS B 121 -21.62 -17.63 7.81
C LYS B 121 -20.44 -18.30 7.11
N PHE B 122 -19.21 -17.97 7.53
CA PHE B 122 -18.04 -18.59 6.93
C PHE B 122 -18.06 -20.11 7.09
N ILE B 123 -18.57 -20.59 8.23
CA ILE B 123 -18.58 -22.04 8.48
C ILE B 123 -19.62 -22.71 7.60
N LYS B 124 -20.87 -22.23 7.64
CA LYS B 124 -21.93 -22.84 6.85
C LYS B 124 -21.70 -22.69 5.36
N ALA B 125 -20.81 -21.80 4.93
CA ALA B 125 -20.46 -21.70 3.53
C ALA B 125 -19.55 -22.85 3.11
N SER B 126 -18.47 -23.06 3.84
CA SER B 126 -17.52 -24.13 3.54
C SER B 126 -17.76 -25.34 4.43
N SER C 5 20.55 0.58 4.74
CA SER C 5 19.52 0.85 5.74
C SER C 5 18.61 1.98 5.27
N GLN C 6 17.33 1.89 5.64
CA GLN C 6 16.34 2.89 5.28
C GLN C 6 15.25 2.89 6.35
N ILE C 7 14.33 3.83 6.21
CA ILE C 7 13.12 3.88 7.02
C ILE C 7 11.93 3.65 6.10
N GLN C 8 11.06 2.71 6.46
CA GLN C 8 9.86 2.42 5.69
C GLN C 8 8.64 2.82 6.50
N PHE C 9 7.78 3.63 5.89
CA PHE C 9 6.52 4.03 6.50
C PHE C 9 5.45 3.03 6.05
N THR C 10 5.02 2.17 6.97
CA THR C 10 4.18 1.04 6.58
C THR C 10 2.83 1.49 6.04
N ARG C 11 2.33 2.64 6.49
CA ARG C 11 0.99 3.12 6.10
C ARG C 11 1.03 4.12 4.96
N HIS C 12 2.20 4.44 4.42
CA HIS C 12 2.32 5.56 3.50
C HIS C 12 1.52 5.28 2.22
N ALA C 13 1.72 4.12 1.62
CA ALA C 13 1.01 3.85 0.36
C ALA C 13 -0.50 3.92 0.53
N SER C 14 -1.04 3.31 1.60
CA SER C 14 -2.49 3.35 1.81
CA SER C 14 -2.49 3.36 1.80
C SER C 14 -2.98 4.78 2.03
N ASP C 15 -2.19 5.59 2.75
CA ASP C 15 -2.58 6.98 2.97
C ASP C 15 -2.58 7.78 1.67
N VAL C 16 -1.61 7.51 0.79
CA VAL C 16 -1.60 8.16 -0.51
C VAL C 16 -2.87 7.81 -1.27
N LEU C 17 -3.22 6.53 -1.29
CA LEU C 17 -4.40 6.07 -2.00
C LEU C 17 -5.66 6.70 -1.42
N LEU C 18 -5.77 6.73 -0.10
CA LEU C 18 -6.87 7.45 0.54
C LEU C 18 -6.93 8.89 0.02
N ASN C 19 -5.79 9.57 -0.02
CA ASN C 19 -5.76 10.96 -0.47
C ASN C 19 -6.11 11.08 -1.95
N LEU C 20 -5.73 10.09 -2.76
CA LEU C 20 -6.13 10.12 -4.17
C LEU C 20 -7.64 9.96 -4.30
N ASN C 21 -8.24 9.12 -3.46
CA ASN C 21 -9.70 9.01 -3.46
C ASN C 21 -10.35 10.31 -3.01
N ARG C 22 -9.76 10.97 -2.02
CA ARG C 22 -10.28 12.27 -1.59
C ARG C 22 -10.30 13.24 -2.75
N LEU C 23 -9.25 13.23 -3.57
CA LEU C 23 -9.23 14.09 -4.75
C LEU C 23 -10.31 13.68 -5.75
N ARG C 24 -10.48 12.38 -5.96
CA ARG C 24 -11.51 11.95 -6.92
C ARG C 24 -12.89 12.38 -6.45
N SER C 25 -13.18 12.23 -5.16
CA SER C 25 -14.50 12.58 -4.64
C SER C 25 -14.81 14.05 -4.88
N ARG C 26 -13.79 14.90 -4.93
CA ARG C 26 -13.96 16.33 -5.13
C ARG C 26 -13.73 16.73 -6.58
N ASP C 27 -13.41 15.78 -7.44
CA ASP C 27 -13.20 16.07 -8.85
C ASP C 27 -11.95 16.92 -9.09
N ILE C 28 -10.94 16.76 -8.26
CA ILE C 28 -9.73 17.58 -8.34
C ILE C 28 -8.72 16.89 -9.25
N LEU C 29 -8.29 17.60 -10.30
CA LEU C 29 -7.26 17.14 -11.24
C LEU C 29 -7.61 15.84 -11.94
N THR C 30 -8.89 15.43 -11.89
CA THR C 30 -9.34 14.37 -12.78
C THR C 30 -9.16 14.85 -14.22
N ASP C 31 -8.69 13.95 -15.10
CA ASP C 31 -8.33 14.35 -16.46
C ASP C 31 -8.90 13.40 -17.51
N VAL C 32 -9.91 12.62 -17.14
CA VAL C 32 -10.54 11.72 -18.10
C VAL C 32 -11.93 11.37 -17.58
N VAL C 33 -12.85 11.11 -18.50
CA VAL C 33 -14.16 10.60 -18.17
CA VAL C 33 -14.19 10.62 -18.21
C VAL C 33 -14.34 9.27 -18.89
N ILE C 34 -14.65 8.23 -18.12
CA ILE C 34 -14.93 6.90 -18.65
C ILE C 34 -16.44 6.81 -18.82
N VAL C 35 -16.88 6.49 -20.02
CA VAL C 35 -18.30 6.40 -20.35
C VAL C 35 -18.68 4.93 -20.49
N VAL C 36 -19.65 4.49 -19.70
CA VAL C 36 -20.05 3.08 -19.66
C VAL C 36 -21.57 2.98 -19.76
N SER C 37 -22.10 2.61 -20.93
CA SER C 37 -23.57 2.61 -21.15
C SER C 37 -24.14 4.01 -20.83
N ARG C 38 -23.44 5.09 -21.21
CA ARG C 38 -23.89 6.51 -21.03
C ARG C 38 -23.59 7.04 -19.61
N GLU C 39 -23.27 6.20 -18.63
CA GLU C 39 -22.87 6.68 -17.27
C GLU C 39 -21.45 7.22 -17.31
N GLN C 40 -21.24 8.46 -16.88
CA GLN C 40 -19.90 9.10 -16.92
C GLN C 40 -19.21 8.91 -15.57
N PHE C 41 -17.94 8.48 -15.58
CA PHE C 41 -17.13 8.31 -14.35
C PHE C 41 -15.84 9.14 -14.50
N ARG C 42 -15.61 10.07 -13.58
N ARG C 42 -15.59 10.07 -13.57
CA ARG C 42 -14.37 10.89 -13.64
CA ARG C 42 -14.36 10.89 -13.64
C ARG C 42 -13.23 10.19 -12.87
C ARG C 42 -13.23 10.20 -12.85
N ALA C 43 -12.01 10.23 -13.46
CA ALA C 43 -10.90 9.58 -12.80
C ALA C 43 -9.59 10.24 -13.22
N HIS C 44 -8.50 9.79 -12.62
CA HIS C 44 -7.15 10.16 -12.99
C HIS C 44 -6.59 9.04 -13.85
N LYS C 45 -6.06 9.40 -15.03
CA LYS C 45 -5.51 8.37 -15.91
C LYS C 45 -4.39 7.60 -15.23
N THR C 46 -3.58 8.28 -14.41
CA THR C 46 -2.48 7.59 -13.74
C THR C 46 -3.01 6.42 -12.92
N VAL C 47 -4.07 6.65 -12.15
CA VAL C 47 -4.63 5.60 -11.30
C VAL C 47 -5.21 4.48 -12.15
N LEU C 48 -5.94 4.82 -13.21
CA LEU C 48 -6.42 3.80 -14.13
C LEU C 48 -5.26 2.97 -14.68
N MET C 49 -4.22 3.63 -15.18
CA MET C 49 -3.07 2.89 -15.71
C MET C 49 -2.47 1.98 -14.65
N ALA C 50 -2.38 2.49 -13.41
CA ALA C 50 -1.78 1.75 -12.33
C ALA C 50 -2.61 0.54 -11.92
N CYS C 51 -3.88 0.49 -12.30
CA CYS C 51 -4.77 -0.54 -11.78
C CYS C 51 -5.42 -1.44 -12.82
N SER C 52 -5.19 -1.20 -14.11
CA SER C 52 -5.93 -1.87 -15.18
C SER C 52 -5.01 -2.12 -16.35
N GLY C 53 -4.92 -3.38 -16.78
CA GLY C 53 -4.16 -3.68 -17.98
C GLY C 53 -4.74 -3.02 -19.21
N LEU C 54 -6.07 -2.91 -19.27
CA LEU C 54 -6.68 -2.26 -20.42
C LEU C 54 -6.28 -0.79 -20.49
N PHE C 55 -6.43 -0.06 -19.39
CA PHE C 55 -6.08 1.36 -19.40
C PHE C 55 -4.58 1.56 -19.55
N TYR C 56 -3.76 0.66 -18.98
CA TYR C 56 -2.33 0.71 -19.22
C TYR C 56 -2.03 0.63 -20.72
N SER C 57 -2.66 -0.32 -21.40
CA SER C 57 -2.47 -0.45 -22.85
CA SER C 57 -2.45 -0.44 -22.84
C SER C 57 -2.89 0.82 -23.57
N ILE C 58 -4.09 1.32 -23.25
CA ILE C 58 -4.62 2.48 -23.96
C ILE C 58 -3.67 3.66 -23.81
N PHE C 59 -3.30 3.99 -22.57
CA PHE C 59 -2.56 5.21 -22.31
C PHE C 59 -1.05 5.04 -22.49
N THR C 60 -0.60 3.87 -22.91
CA THR C 60 0.79 3.76 -23.38
C THR C 60 1.00 4.58 -24.65
N ASP C 61 -0.04 4.71 -25.47
CA ASP C 61 0.00 5.60 -26.63
C ASP C 61 -0.13 7.05 -26.17
N GLN C 62 0.87 7.86 -26.47
CA GLN C 62 0.90 9.23 -25.93
C GLN C 62 -0.27 10.06 -26.43
N LEU C 63 -0.68 9.84 -27.67
CA LEU C 63 -1.82 10.58 -28.21
C LEU C 63 -3.09 10.28 -27.41
N LYS C 64 -3.38 8.99 -27.19
CA LYS C 64 -4.56 8.60 -26.44
C LYS C 64 -4.48 9.08 -25.00
N ARG C 65 -3.28 9.33 -24.48
CA ARG C 65 -3.13 9.92 -23.16
C ARG C 65 -3.80 11.28 -23.06
N ASN C 66 -4.00 11.97 -24.18
CA ASN C 66 -4.61 13.28 -24.18
C ASN C 66 -6.10 13.26 -24.46
N LEU C 67 -6.66 12.09 -24.76
CA LEU C 67 -8.11 11.98 -24.88
C LEU C 67 -8.77 12.34 -23.55
N SER C 68 -9.89 13.06 -23.63
CA SER C 68 -10.63 13.41 -22.43
C SER C 68 -11.82 12.49 -22.17
N VAL C 69 -12.33 11.78 -23.18
CA VAL C 69 -13.46 10.88 -23.03
C VAL C 69 -13.08 9.51 -23.60
N ILE C 70 -13.27 8.46 -22.82
CA ILE C 70 -13.07 7.07 -23.25
C ILE C 70 -14.41 6.35 -23.11
N ASN C 71 -14.89 5.80 -24.22
CA ASN C 71 -16.11 4.99 -24.21
C ASN C 71 -15.72 3.52 -24.07
N LEU C 72 -16.12 2.89 -22.97
CA LEU C 72 -15.95 1.45 -22.86
C LEU C 72 -16.91 0.73 -23.80
N ASP C 73 -16.60 -0.52 -24.10
CA ASP C 73 -17.37 -1.22 -25.12
C ASP C 73 -18.82 -1.36 -24.69
N PRO C 74 -19.77 -1.30 -25.62
CA PRO C 74 -21.20 -1.31 -25.24
C PRO C 74 -21.61 -2.48 -24.37
N GLU C 75 -20.92 -3.62 -24.46
CA GLU C 75 -21.30 -4.79 -23.67
C GLU C 75 -20.96 -4.65 -22.19
N ILE C 76 -20.15 -3.65 -21.81
CA ILE C 76 -19.77 -3.47 -20.42
C ILE C 76 -20.85 -2.68 -19.70
N ASN C 77 -21.13 -3.07 -18.45
CA ASN C 77 -22.20 -2.49 -17.66
C ASN C 77 -21.65 -1.48 -16.65
N PRO C 78 -22.41 -0.44 -16.32
CA PRO C 78 -21.87 0.59 -15.41
C PRO C 78 -21.72 0.12 -13.98
N GLU C 79 -22.60 -0.76 -13.50
N GLU C 79 -22.61 -0.74 -13.49
CA GLU C 79 -22.50 -1.20 -12.11
CA GLU C 79 -22.51 -1.21 -12.12
C GLU C 79 -21.18 -1.93 -11.85
C GLU C 79 -21.18 -1.91 -11.88
N GLY C 80 -20.82 -2.87 -12.74
CA GLY C 80 -19.56 -3.54 -12.59
C GLY C 80 -18.38 -2.58 -12.61
N PHE C 81 -18.42 -1.59 -13.50
CA PHE C 81 -17.32 -0.65 -13.57
C PHE C 81 -17.27 0.21 -12.31
N ASN C 82 -18.42 0.70 -11.85
CA ASN C 82 -18.45 1.51 -10.64
C ASN C 82 -17.80 0.78 -9.48
N ILE C 83 -18.14 -0.51 -9.29
CA ILE C 83 -17.55 -1.29 -8.21
C ILE C 83 -16.03 -1.37 -8.37
N LEU C 84 -15.56 -1.59 -9.59
CA LEU C 84 -14.13 -1.76 -9.78
C LEU C 84 -13.38 -0.43 -9.70
N LEU C 85 -13.99 0.66 -10.17
CA LEU C 85 -13.37 1.96 -9.99
C LEU C 85 -13.24 2.30 -8.52
N ASP C 86 -14.26 1.99 -7.71
CA ASP C 86 -14.16 2.17 -6.27
C ASP C 86 -13.02 1.34 -5.69
N PHE C 87 -12.93 0.09 -6.10
CA PHE C 87 -11.82 -0.77 -5.66
C PHE C 87 -10.47 -0.16 -6.03
N MET C 88 -10.35 0.35 -7.25
CA MET C 88 -9.09 0.98 -7.68
C MET C 88 -8.63 2.03 -6.66
N TYR C 89 -9.56 2.86 -6.22
CA TYR C 89 -9.20 4.01 -5.38
C TYR C 89 -9.21 3.70 -3.89
N THR C 90 -9.56 2.48 -3.50
CA THR C 90 -9.71 2.17 -2.07
C THR C 90 -9.09 0.85 -1.64
N SER C 91 -8.82 -0.09 -2.55
CA SER C 91 -8.44 -1.47 -2.24
C SER C 91 -9.62 -2.31 -1.74
N ARG C 92 -10.82 -1.74 -1.67
N ARG C 92 -10.83 -1.76 -1.70
CA ARG C 92 -11.99 -2.45 -1.18
CA ARG C 92 -12.00 -2.46 -1.16
C ARG C 92 -12.84 -2.91 -2.35
C ARG C 92 -12.90 -2.89 -2.31
N LEU C 93 -13.26 -4.16 -2.33
CA LEU C 93 -14.09 -4.75 -3.38
C LEU C 93 -15.45 -5.12 -2.80
N ASN C 94 -16.49 -4.41 -3.24
CA ASN C 94 -17.85 -4.68 -2.78
C ASN C 94 -18.43 -5.85 -3.56
N LEU C 95 -17.94 -7.04 -3.24
CA LEU C 95 -18.33 -8.26 -3.94
C LEU C 95 -19.53 -8.89 -3.24
N ARG C 96 -20.57 -9.18 -4.02
CA ARG C 96 -21.78 -9.80 -3.50
C ARG C 96 -22.26 -10.88 -4.47
N GLU C 97 -23.15 -11.73 -3.99
CA GLU C 97 -23.73 -12.76 -4.85
C GLU C 97 -24.49 -12.13 -6.01
N GLY C 98 -25.17 -11.01 -5.76
CA GLY C 98 -25.94 -10.34 -6.79
C GLY C 98 -25.13 -9.60 -7.81
N ASN C 99 -23.82 -9.41 -7.60
CA ASN C 99 -22.98 -8.69 -8.54
C ASN C 99 -21.71 -9.42 -8.94
N ILE C 100 -21.45 -10.62 -8.42
CA ILE C 100 -20.19 -11.30 -8.67
C ILE C 100 -19.98 -11.49 -10.17
N MET C 101 -21.02 -11.89 -10.91
CA MET C 101 -20.85 -12.15 -12.34
C MET C 101 -20.49 -10.87 -13.08
N ALA C 102 -21.22 -9.79 -12.83
CA ALA C 102 -20.90 -8.51 -13.47
C ALA C 102 -19.49 -8.06 -13.12
N VAL C 103 -19.11 -8.19 -11.85
CA VAL C 103 -17.78 -7.75 -11.43
C VAL C 103 -16.72 -8.57 -12.14
N MET C 104 -16.91 -9.90 -12.17
CA MET C 104 -15.95 -10.77 -12.83
C MET C 104 -15.78 -10.40 -14.28
N ALA C 105 -16.89 -10.27 -15.02
CA ALA C 105 -16.81 -9.93 -16.43
C ALA C 105 -16.11 -8.58 -16.62
N THR C 106 -16.47 -7.60 -15.80
CA THR C 106 -15.85 -6.29 -15.93
C THR C 106 -14.36 -6.36 -15.61
N ALA C 107 -13.99 -7.13 -14.57
CA ALA C 107 -12.58 -7.29 -14.21
C ALA C 107 -11.79 -7.94 -15.33
N MET C 108 -12.39 -8.88 -16.07
CA MET C 108 -11.70 -9.46 -17.21
C MET C 108 -11.47 -8.42 -18.30
N TYR C 109 -12.51 -7.62 -18.58
CA TYR C 109 -12.40 -6.58 -19.59
C TYR C 109 -11.30 -5.58 -19.24
N LEU C 110 -11.25 -5.15 -17.99
CA LEU C 110 -10.25 -4.18 -17.56
C LEU C 110 -8.89 -4.82 -17.33
N GLN C 111 -8.80 -6.15 -17.37
CA GLN C 111 -7.55 -6.87 -17.19
C GLN C 111 -6.98 -6.64 -15.79
N MET C 112 -7.77 -7.02 -14.80
CA MET C 112 -7.43 -6.94 -13.37
C MET C 112 -7.47 -8.36 -12.82
N GLU C 113 -6.31 -9.02 -12.84
CA GLU C 113 -6.25 -10.46 -12.61
C GLU C 113 -6.64 -10.83 -11.17
N HIS C 114 -6.18 -10.07 -10.18
CA HIS C 114 -6.44 -10.46 -8.80
C HIS C 114 -7.93 -10.53 -8.55
N VAL C 115 -8.69 -9.54 -9.03
CA VAL C 115 -10.13 -9.55 -8.84
C VAL C 115 -10.77 -10.71 -9.61
N VAL C 116 -10.34 -10.93 -10.85
CA VAL C 116 -10.87 -12.06 -11.60
C VAL C 116 -10.68 -13.34 -10.80
N ASP C 117 -9.44 -13.61 -10.37
CA ASP C 117 -9.14 -14.85 -9.67
C ASP C 117 -10.00 -14.97 -8.43
N THR C 118 -10.10 -13.88 -7.65
CA THR C 118 -10.91 -13.90 -6.45
C THR C 118 -12.36 -14.25 -6.79
N CYS C 119 -12.89 -13.67 -7.88
CA CYS C 119 -14.25 -14.02 -8.29
C CYS C 119 -14.32 -15.49 -8.70
N ARG C 120 -13.35 -15.95 -9.49
CA ARG C 120 -13.35 -17.36 -9.94
C ARG C 120 -13.43 -18.30 -8.73
N LYS C 121 -12.63 -18.03 -7.70
CA LYS C 121 -12.61 -18.88 -6.52
C LYS C 121 -14.01 -19.01 -5.92
N PHE C 122 -14.76 -17.92 -5.88
CA PHE C 122 -16.11 -17.98 -5.31
C PHE C 122 -17.04 -18.77 -6.22
N ILE C 123 -17.03 -18.47 -7.52
CA ILE C 123 -17.85 -19.22 -8.47
C ILE C 123 -17.53 -20.71 -8.38
N LYS C 124 -16.24 -21.04 -8.32
CA LYS C 124 -15.82 -22.44 -8.24
C LYS C 124 -16.36 -23.10 -6.97
N ALA C 125 -16.39 -22.35 -5.85
CA ALA C 125 -16.89 -22.91 -4.61
C ALA C 125 -18.39 -23.14 -4.67
N SER C 126 -19.14 -22.16 -5.15
CA SER C 126 -20.60 -22.29 -5.28
C SER C 126 -21.02 -23.43 -6.19
N GLU C 127 -20.08 -24.04 -6.90
CA GLU C 127 -20.36 -25.20 -7.74
C GLU C 127 -19.75 -26.45 -7.14
N ALA D 3 -22.89 -3.76 1.40
CA ALA D 3 -23.74 -3.40 2.53
C ALA D 3 -22.92 -3.22 3.79
N ASP D 4 -22.67 -4.33 4.50
CA ASP D 4 -21.98 -4.29 5.79
C ASP D 4 -20.54 -4.79 5.74
N SER D 5 -20.11 -5.39 4.64
CA SER D 5 -18.77 -5.99 4.58
C SER D 5 -18.23 -5.93 3.16
N GLN D 6 -16.90 -5.92 3.06
CA GLN D 6 -16.19 -5.84 1.79
C GLN D 6 -14.96 -6.74 1.86
N ILE D 7 -14.42 -7.08 0.70
CA ILE D 7 -13.12 -7.72 0.62
C ILE D 7 -12.06 -6.64 0.41
N GLN D 8 -10.98 -6.70 1.18
CA GLN D 8 -9.90 -5.72 1.08
C GLN D 8 -8.63 -6.40 0.63
N PHE D 9 -7.94 -5.81 -0.36
CA PHE D 9 -6.72 -6.35 -0.94
C PHE D 9 -5.50 -5.69 -0.29
N THR D 10 -4.70 -6.49 0.43
CA THR D 10 -3.71 -5.92 1.33
C THR D 10 -2.58 -5.22 0.59
N ARG D 11 -2.21 -5.72 -0.58
N ARG D 11 -2.21 -5.72 -0.58
CA ARG D 11 -1.07 -5.18 -1.31
CA ARG D 11 -1.07 -5.18 -1.31
C ARG D 11 -1.48 -4.23 -2.43
C ARG D 11 -1.48 -4.23 -2.43
N HIS D 12 -2.76 -3.90 -2.55
CA HIS D 12 -3.23 -3.06 -3.65
C HIS D 12 -2.58 -1.69 -3.61
N ALA D 13 -2.70 -0.98 -2.48
CA ALA D 13 -2.20 0.39 -2.42
C ALA D 13 -0.71 0.46 -2.70
N SER D 14 0.07 -0.50 -2.17
CA SER D 14 1.50 -0.51 -2.42
CA SER D 14 1.50 -0.52 -2.42
C SER D 14 1.80 -0.76 -3.90
N ASP D 15 1.01 -1.62 -4.54
CA ASP D 15 1.19 -1.85 -5.97
C ASP D 15 0.84 -0.59 -6.77
N VAL D 16 -0.21 0.13 -6.36
CA VAL D 16 -0.57 1.37 -7.04
C VAL D 16 0.60 2.36 -6.98
N LEU D 17 1.16 2.55 -5.79
CA LEU D 17 2.24 3.52 -5.63
C LEU D 17 3.45 3.11 -6.48
N LEU D 18 3.79 1.82 -6.46
CA LEU D 18 4.89 1.34 -7.29
C LEU D 18 4.64 1.66 -8.77
N ASN D 19 3.41 1.46 -9.23
CA ASN D 19 3.11 1.74 -10.64
C ASN D 19 3.11 3.24 -10.92
N LEU D 20 2.72 4.06 -9.93
CA LEU D 20 2.83 5.50 -10.09
C LEU D 20 4.29 5.94 -10.16
N ASN D 21 5.17 5.30 -9.37
CA ASN D 21 6.60 5.57 -9.48
C ASN D 21 7.15 5.13 -10.84
N ARG D 22 6.69 3.99 -11.35
CA ARG D 22 7.11 3.57 -12.68
C ARG D 22 6.72 4.60 -13.73
N LEU D 23 5.49 5.11 -13.65
CA LEU D 23 5.08 6.16 -14.57
C LEU D 23 5.99 7.38 -14.45
N ARG D 24 6.33 7.76 -13.21
CA ARG D 24 7.23 8.89 -13.02
C ARG D 24 8.58 8.63 -13.67
N SER D 25 9.11 7.41 -13.49
CA SER D 25 10.38 7.06 -14.12
C SER D 25 10.30 7.23 -15.62
N ARG D 26 9.16 6.91 -16.21
CA ARG D 26 8.97 7.02 -17.65
C ARG D 26 8.54 8.41 -18.07
N ASP D 27 8.35 9.32 -17.13
CA ASP D 27 7.85 10.67 -17.41
C ASP D 27 6.48 10.61 -18.09
N ILE D 28 5.66 9.66 -17.69
CA ILE D 28 4.34 9.48 -18.27
C ILE D 28 3.30 10.15 -17.39
N LEU D 29 2.51 11.05 -17.98
CA LEU D 29 1.43 11.76 -17.32
C LEU D 29 1.93 12.68 -16.21
N THR D 30 3.24 12.94 -16.15
CA THR D 30 3.73 14.01 -15.29
C THR D 30 3.20 15.34 -15.80
N ASP D 31 2.81 16.21 -14.87
CA ASP D 31 2.13 17.45 -15.23
C ASP D 31 2.70 18.67 -14.53
N VAL D 32 3.87 18.54 -13.89
CA VAL D 32 4.43 19.66 -13.17
C VAL D 32 5.94 19.47 -13.09
N VAL D 33 6.67 20.57 -13.23
CA VAL D 33 8.10 20.59 -13.01
CA VAL D 33 8.11 20.62 -13.03
C VAL D 33 8.37 21.42 -11.76
N ILE D 34 9.08 20.83 -10.82
CA ILE D 34 9.45 21.51 -9.57
C ILE D 34 10.88 22.00 -9.72
N VAL D 35 11.06 23.31 -9.63
CA VAL D 35 12.37 23.92 -9.75
C VAL D 35 12.94 24.12 -8.35
N VAL D 36 14.09 23.53 -8.08
CA VAL D 36 14.78 23.65 -6.79
C VAL D 36 16.21 24.07 -7.09
N SER D 37 16.55 25.32 -6.75
CA SER D 37 17.85 25.89 -7.06
C SER D 37 18.14 25.72 -8.55
N ARG D 38 19.16 24.93 -8.90
CA ARG D 38 19.56 24.75 -10.28
C ARG D 38 18.86 23.59 -10.96
N GLU D 39 18.02 22.84 -10.24
CA GLU D 39 17.53 21.56 -10.71
C GLU D 39 16.03 21.61 -10.97
N GLN D 40 15.58 20.74 -11.88
CA GLN D 40 14.17 20.57 -12.22
C GLN D 40 13.76 19.15 -11.91
N PHE D 41 12.60 18.97 -11.27
CA PHE D 41 12.05 17.68 -10.94
C PHE D 41 10.65 17.56 -11.54
N ARG D 42 10.42 16.51 -12.31
N ARG D 42 10.42 16.49 -12.28
CA ARG D 42 9.11 16.24 -12.89
CA ARG D 42 9.12 16.22 -12.90
C ARG D 42 8.36 15.25 -12.01
C ARG D 42 8.35 15.22 -12.06
N ALA D 43 7.06 15.50 -11.85
CA ALA D 43 6.25 14.65 -10.99
C ALA D 43 4.78 14.77 -11.37
N HIS D 44 3.96 14.01 -10.66
CA HIS D 44 2.51 14.04 -10.77
C HIS D 44 1.96 14.93 -9.67
N LYS D 45 1.22 15.97 -10.04
CA LYS D 45 0.59 16.82 -9.05
C LYS D 45 -0.17 15.99 -8.02
N THR D 46 -0.97 15.03 -8.48
CA THR D 46 -1.81 14.27 -7.55
C THR D 46 -0.98 13.61 -6.46
N VAL D 47 0.17 13.03 -6.81
CA VAL D 47 1.00 12.37 -5.80
C VAL D 47 1.57 13.40 -4.84
N LEU D 48 2.04 14.53 -5.37
CA LEU D 48 2.60 15.56 -4.50
C LEU D 48 1.55 16.07 -3.52
N MET D 49 0.33 16.29 -4.01
CA MET D 49 -0.75 16.73 -3.13
C MET D 49 -1.06 15.69 -2.07
N ALA D 50 -1.03 14.41 -2.47
CA ALA D 50 -1.31 13.33 -1.53
C ALA D 50 -0.26 13.23 -0.45
N CYS D 51 0.92 13.84 -0.64
CA CYS D 51 2.04 13.64 0.28
C CYS D 51 2.53 14.90 0.99
N SER D 52 2.03 16.08 0.65
CA SER D 52 2.63 17.31 1.14
C SER D 52 1.57 18.37 1.36
N GLY D 53 1.56 18.95 2.56
CA GLY D 53 0.65 20.05 2.82
C GLY D 53 0.92 21.25 1.92
N LEU D 54 2.18 21.50 1.62
CA LEU D 54 2.50 22.63 0.74
C LEU D 54 1.92 22.40 -0.66
N PHE D 55 2.14 21.22 -1.22
CA PHE D 55 1.71 20.99 -2.58
C PHE D 55 0.19 20.87 -2.66
N TYR D 56 -0.45 20.32 -1.64
CA TYR D 56 -1.92 20.30 -1.64
C TYR D 56 -2.48 21.72 -1.75
N SER D 57 -1.90 22.66 -1.00
CA SER D 57 -2.39 24.02 -1.04
CA SER D 57 -2.40 24.01 -1.04
C SER D 57 -2.09 24.67 -2.38
N ILE D 58 -0.91 24.42 -2.93
CA ILE D 58 -0.53 25.07 -4.19
C ILE D 58 -1.43 24.61 -5.32
N PHE D 59 -1.65 23.30 -5.44
CA PHE D 59 -2.35 22.77 -6.61
C PHE D 59 -3.87 22.76 -6.45
N THR D 60 -4.39 22.90 -5.24
CA THR D 60 -5.81 23.18 -5.09
C THR D 60 -6.10 24.61 -5.57
N ASP D 61 -7.17 24.78 -6.33
CA ASP D 61 -7.51 26.09 -6.86
C ASP D 61 -8.91 26.51 -6.39
N ARG D 65 -5.87 27.63 -16.48
CA ARG D 65 -5.54 26.21 -16.53
C ARG D 65 -4.92 25.75 -15.21
N ASN D 66 -3.60 25.81 -15.12
CA ASN D 66 -2.90 25.41 -13.91
C ASN D 66 -1.42 25.74 -14.06
N LEU D 67 -0.72 25.70 -12.93
CA LEU D 67 0.71 25.97 -12.88
C LEU D 67 1.48 24.68 -13.17
N SER D 68 2.34 24.72 -14.20
CA SER D 68 3.16 23.58 -14.54
C SER D 68 4.61 23.72 -14.09
N VAL D 69 5.05 24.94 -13.77
CA VAL D 69 6.39 25.19 -13.27
C VAL D 69 6.25 25.80 -11.88
N ILE D 70 6.80 25.12 -10.88
CA ILE D 70 6.68 25.56 -9.49
C ILE D 70 8.08 25.82 -8.95
N ASN D 71 8.32 27.07 -8.52
CA ASN D 71 9.60 27.47 -7.94
C ASN D 71 9.47 27.44 -6.42
N LEU D 72 10.30 26.63 -5.77
CA LEU D 72 10.32 26.57 -4.32
C LEU D 72 11.25 27.64 -3.76
N ASP D 73 11.18 27.83 -2.45
CA ASP D 73 12.05 28.80 -1.78
CA ASP D 73 12.05 28.80 -1.78
C ASP D 73 13.49 28.56 -2.21
N PRO D 74 14.27 29.65 -2.44
CA PRO D 74 15.67 29.45 -2.88
C PRO D 74 16.52 28.71 -1.86
N GLU D 75 16.11 28.65 -0.60
CA GLU D 75 16.90 27.96 0.42
C GLU D 75 16.70 26.45 0.41
N ILE D 76 15.71 25.94 -0.33
CA ILE D 76 15.47 24.51 -0.35
C ILE D 76 16.60 23.81 -1.10
N ASN D 77 17.13 22.75 -0.51
CA ASN D 77 18.28 22.03 -1.04
C ASN D 77 17.80 20.97 -2.01
N PRO D 78 18.40 20.90 -3.22
CA PRO D 78 17.92 19.89 -4.19
C PRO D 78 18.08 18.45 -3.73
N GLU D 79 19.19 18.11 -3.08
CA GLU D 79 19.34 16.76 -2.55
C GLU D 79 18.20 16.44 -1.59
N GLY D 80 17.92 17.37 -0.67
CA GLY D 80 16.82 17.15 0.25
C GLY D 80 15.51 16.90 -0.48
N PHE D 81 15.23 17.72 -1.49
CA PHE D 81 13.98 17.54 -2.21
C PHE D 81 13.93 16.20 -2.90
N ASN D 82 15.04 15.81 -3.55
CA ASN D 82 15.10 14.53 -4.25
C ASN D 82 14.83 13.38 -3.30
N ILE D 83 15.42 13.42 -2.10
CA ILE D 83 15.20 12.38 -1.11
C ILE D 83 13.72 12.30 -0.76
N LEU D 84 13.08 13.45 -0.56
CA LEU D 84 11.67 13.43 -0.20
C LEU D 84 10.78 13.02 -1.37
N LEU D 85 11.13 13.42 -2.59
CA LEU D 85 10.33 13.03 -3.75
C LEU D 85 10.36 11.51 -3.93
N ASP D 86 11.55 10.92 -3.83
CA ASP D 86 11.63 9.46 -3.85
C ASP D 86 10.78 8.85 -2.75
N PHE D 87 10.79 9.46 -1.56
CA PHE D 87 10.00 8.91 -0.45
C PHE D 87 8.52 8.91 -0.78
N MET D 88 8.03 10.01 -1.36
CA MET D 88 6.62 10.08 -1.71
C MET D 88 6.21 8.89 -2.57
N TYR D 89 7.07 8.49 -3.49
CA TYR D 89 6.74 7.46 -4.46
C TYR D 89 7.17 6.06 -4.04
N THR D 90 7.78 5.90 -2.86
CA THR D 90 8.28 4.58 -2.48
C THR D 90 7.96 4.19 -1.05
N SER D 91 7.70 5.13 -0.14
CA SER D 91 7.48 4.93 1.29
C SER D 91 8.81 4.81 2.05
N ARG D 92 9.94 4.87 1.36
CA ARG D 92 11.24 4.60 1.94
C ARG D 92 12.05 5.88 1.98
N LEU D 93 12.66 6.15 3.13
CA LEU D 93 13.38 7.39 3.39
C LEU D 93 14.84 7.05 3.64
N ASN D 94 15.73 7.65 2.86
CA ASN D 94 17.17 7.45 3.00
C ASN D 94 17.72 8.50 3.96
N LEU D 95 17.74 8.17 5.24
CA LEU D 95 18.18 9.10 6.29
C LEU D 95 19.59 8.73 6.75
N ARG D 96 20.48 9.71 6.74
CA ARG D 96 21.85 9.55 7.22
C ARG D 96 22.27 10.85 7.89
N GLU D 97 23.39 10.80 8.62
CA GLU D 97 23.86 12.00 9.30
C GLU D 97 24.18 13.12 8.33
N GLY D 98 24.61 12.78 7.11
CA GLY D 98 24.99 13.76 6.13
C GLY D 98 23.86 14.47 5.42
N ASN D 99 22.62 14.00 5.56
CA ASN D 99 21.49 14.67 4.94
C ASN D 99 20.34 14.96 5.89
N ILE D 100 20.42 14.51 7.15
CA ILE D 100 19.29 14.65 8.07
C ILE D 100 18.84 16.10 8.13
N MET D 101 19.78 17.04 8.23
CA MET D 101 19.39 18.44 8.38
C MET D 101 18.68 18.94 7.13
N ALA D 102 19.16 18.56 5.96
CA ALA D 102 18.50 18.99 4.72
C ALA D 102 17.14 18.30 4.56
N VAL D 103 17.07 17.03 4.92
CA VAL D 103 15.80 16.31 4.84
C VAL D 103 14.77 16.96 5.75
N MET D 104 15.14 17.17 7.02
CA MET D 104 14.17 17.73 7.96
C MET D 104 13.72 19.12 7.52
N ALA D 105 14.66 19.96 7.10
CA ALA D 105 14.29 21.31 6.64
C ALA D 105 13.33 21.24 5.46
N THR D 106 13.65 20.41 4.46
CA THR D 106 12.77 20.27 3.32
C THR D 106 11.41 19.72 3.75
N ALA D 107 11.39 18.71 4.62
CA ALA D 107 10.13 18.14 5.07
C ALA D 107 9.26 19.19 5.77
N MET D 108 9.87 20.06 6.56
CA MET D 108 9.12 21.13 7.20
C MET D 108 8.52 22.07 6.17
N TYR D 109 9.32 22.52 5.21
CA TYR D 109 8.84 23.36 4.12
C TYR D 109 7.68 22.71 3.37
N LEU D 110 7.83 21.44 3.02
CA LEU D 110 6.77 20.74 2.30
C LEU D 110 5.59 20.35 3.19
N GLN D 111 5.73 20.53 4.51
CA GLN D 111 4.69 20.21 5.47
C GLN D 111 4.37 18.70 5.44
N MET D 112 5.37 17.92 5.85
CA MET D 112 5.31 16.46 5.86
C MET D 112 5.65 16.03 7.28
N GLU D 113 4.62 15.94 8.14
CA GLU D 113 4.86 15.85 9.58
C GLU D 113 5.63 14.58 9.95
N HIS D 114 5.22 13.43 9.40
CA HIS D 114 5.83 12.17 9.83
C HIS D 114 7.34 12.18 9.59
N VAL D 115 7.78 12.64 8.42
CA VAL D 115 9.21 12.73 8.16
C VAL D 115 9.88 13.70 9.14
N VAL D 116 9.26 14.83 9.39
CA VAL D 116 9.83 15.78 10.34
C VAL D 116 10.01 15.11 11.70
N ASP D 117 8.97 14.46 12.20
N ASP D 117 8.97 14.45 12.20
CA ASP D 117 9.05 13.78 13.49
CA ASP D 117 9.05 13.79 13.50
C ASP D 117 10.17 12.74 13.48
C ASP D 117 10.13 12.71 13.50
N THR D 118 10.25 11.95 12.41
CA THR D 118 11.32 10.95 12.31
C THR D 118 12.69 11.62 12.33
N CYS D 119 12.84 12.75 11.66
CA CYS D 119 14.12 13.45 11.66
C CYS D 119 14.48 13.93 13.07
N ARG D 120 13.52 14.51 13.78
CA ARG D 120 13.81 15.01 15.12
C ARG D 120 14.29 13.90 16.04
N LYS D 121 13.65 12.73 15.98
CA LYS D 121 14.08 11.60 16.80
C LYS D 121 15.49 11.15 16.42
N PHE D 122 15.81 11.16 15.12
CA PHE D 122 17.18 10.88 14.68
C PHE D 122 18.16 11.88 15.27
N ILE D 123 17.83 13.17 15.17
CA ILE D 123 18.68 14.21 15.75
C ILE D 123 18.78 14.00 17.27
N LYS D 124 17.64 13.75 17.91
CA LYS D 124 17.61 13.57 19.35
C LYS D 124 18.40 12.34 19.77
N ALA D 125 18.42 11.30 18.94
CA ALA D 125 19.15 10.09 19.28
C ALA D 125 20.66 10.26 19.15
N SER D 126 21.12 11.21 18.35
CA SER D 126 22.55 11.44 18.17
C SER D 126 23.12 12.34 19.26
N SER E 5 14.66 1.00 9.73
CA SER E 5 13.50 0.13 9.69
C SER E 5 13.83 -1.18 8.97
N GLN E 6 14.28 -1.06 7.71
CA GLN E 6 14.69 -2.21 6.94
C GLN E 6 15.93 -1.84 6.13
N ILE E 7 16.50 -2.84 5.47
CA ILE E 7 17.74 -2.66 4.69
C ILE E 7 17.46 -3.06 3.26
N GLN E 8 17.94 -2.24 2.32
CA GLN E 8 17.78 -2.45 0.89
C GLN E 8 19.13 -2.85 0.31
N PHE E 9 19.18 -4.01 -0.33
CA PHE E 9 20.38 -4.50 -1.00
C PHE E 9 20.34 -3.97 -2.43
N THR E 10 21.15 -2.95 -2.70
CA THR E 10 20.99 -2.20 -3.94
C THR E 10 21.38 -3.01 -5.18
N ARG E 11 22.21 -4.04 -5.01
CA ARG E 11 22.67 -4.87 -6.12
C ARG E 11 21.86 -6.15 -6.29
N HIS E 12 20.91 -6.41 -5.39
CA HIS E 12 20.29 -7.72 -5.33
C HIS E 12 19.52 -8.05 -6.60
N ALA E 13 18.61 -7.15 -7.02
CA ALA E 13 17.80 -7.43 -8.19
C ALA E 13 18.67 -7.61 -9.44
N SER E 14 19.70 -6.78 -9.60
CA SER E 14 20.61 -6.92 -10.73
C SER E 14 21.32 -8.27 -10.72
N ASP E 15 21.77 -8.71 -9.54
CA ASP E 15 22.44 -10.01 -9.46
C ASP E 15 21.47 -11.15 -9.76
N VAL E 16 20.22 -11.04 -9.32
CA VAL E 16 19.25 -12.07 -9.67
C VAL E 16 19.13 -12.18 -11.18
N LEU E 17 18.94 -11.05 -11.86
CA LEU E 17 18.78 -11.06 -13.31
C LEU E 17 20.01 -11.63 -14.00
N LEU E 18 21.20 -11.23 -13.56
CA LEU E 18 22.42 -11.79 -14.14
C LEU E 18 22.48 -13.29 -13.93
N ASN E 19 22.07 -13.76 -12.74
CA ASN E 19 22.08 -15.19 -12.48
C ASN E 19 21.03 -15.92 -13.33
N LEU E 20 19.86 -15.32 -13.51
CA LEU E 20 18.86 -15.91 -14.39
C LEU E 20 19.39 -16.00 -15.82
N ASN E 21 20.17 -14.99 -16.23
CA ASN E 21 20.80 -15.02 -17.54
C ASN E 21 21.80 -16.16 -17.67
N ARG E 22 22.54 -16.45 -16.59
CA ARG E 22 23.40 -17.63 -16.51
C ARG E 22 22.60 -18.90 -16.73
N LEU E 23 21.54 -19.06 -15.94
CA LEU E 23 20.67 -20.23 -16.06
C LEU E 23 20.19 -20.39 -17.49
N ARG E 24 19.84 -19.28 -18.15
CA ARG E 24 19.36 -19.37 -19.53
C ARG E 24 20.48 -19.83 -20.47
N SER E 25 21.67 -19.27 -20.34
CA SER E 25 22.76 -19.62 -21.25
C SER E 25 23.18 -21.08 -21.05
N ARG E 26 22.98 -21.63 -19.86
CA ARG E 26 23.26 -23.03 -19.58
C ARG E 26 22.04 -23.91 -19.82
N ASP E 27 20.94 -23.33 -20.27
CA ASP E 27 19.70 -24.08 -20.51
C ASP E 27 19.21 -24.77 -19.24
N ILE E 28 19.32 -24.09 -18.11
CA ILE E 28 18.87 -24.63 -16.82
C ILE E 28 17.50 -24.04 -16.51
N LEU E 29 16.52 -24.92 -16.33
CA LEU E 29 15.14 -24.61 -15.95
C LEU E 29 14.39 -23.81 -17.01
N THR E 30 14.92 -23.68 -18.22
CA THR E 30 14.14 -23.11 -19.31
C THR E 30 12.91 -23.98 -19.57
N ASP E 31 11.76 -23.35 -19.80
CA ASP E 31 10.51 -24.10 -19.95
C ASP E 31 9.74 -23.69 -21.20
N VAL E 32 10.38 -22.99 -22.14
CA VAL E 32 9.71 -22.64 -23.38
C VAL E 32 10.76 -22.43 -24.46
N VAL E 33 10.37 -22.68 -25.70
CA VAL E 33 11.17 -22.33 -26.86
CA VAL E 33 11.17 -22.36 -26.87
C VAL E 33 10.35 -21.39 -27.71
N ILE E 34 10.94 -20.24 -28.05
CA ILE E 34 10.30 -19.25 -28.89
C ILE E 34 10.84 -19.42 -30.30
N VAL E 35 9.94 -19.56 -31.27
CA VAL E 35 10.30 -19.77 -32.66
C VAL E 35 10.05 -18.48 -33.43
N VAL E 36 11.13 -17.90 -33.97
CA VAL E 36 11.05 -16.68 -34.77
C VAL E 36 11.63 -17.01 -36.14
N SER E 37 10.84 -16.78 -37.21
CA SER E 37 11.17 -17.30 -38.52
C SER E 37 11.41 -18.80 -38.38
N ARG E 38 12.66 -19.23 -38.47
CA ARG E 38 13.00 -20.63 -38.24
C ARG E 38 14.09 -20.80 -37.19
N GLU E 39 14.27 -19.80 -36.32
CA GLU E 39 15.25 -19.89 -35.24
C GLU E 39 14.55 -20.17 -33.93
N GLN E 40 15.22 -20.93 -33.08
CA GLN E 40 14.69 -21.30 -31.77
C GLN E 40 15.38 -20.48 -30.68
N PHE E 41 14.60 -19.97 -29.73
CA PHE E 41 15.12 -19.26 -28.57
C PHE E 41 14.53 -19.90 -27.32
N ARG E 42 15.39 -20.41 -26.45
CA ARG E 42 14.95 -20.98 -25.18
C ARG E 42 14.96 -19.88 -24.13
N ALA E 43 13.99 -19.93 -23.21
CA ALA E 43 13.93 -18.92 -22.17
C ALA E 43 13.09 -19.45 -21.02
N HIS E 44 12.93 -18.60 -20.00
CA HIS E 44 12.04 -18.87 -18.88
C HIS E 44 10.76 -18.09 -19.06
N LYS E 45 9.61 -18.78 -18.94
CA LYS E 45 8.33 -18.10 -19.09
C LYS E 45 8.22 -16.94 -18.11
N THR E 46 8.64 -17.15 -16.87
CA THR E 46 8.49 -16.13 -15.84
C THR E 46 9.20 -14.84 -16.24
N VAL E 47 10.39 -14.94 -16.81
CA VAL E 47 11.11 -13.74 -17.23
C VAL E 47 10.40 -13.06 -18.39
N LEU E 48 9.95 -13.84 -19.38
CA LEU E 48 9.22 -13.26 -20.50
C LEU E 48 7.98 -12.53 -20.03
N MET E 49 7.23 -13.13 -19.10
CA MET E 49 6.04 -12.47 -18.58
C MET E 49 6.39 -11.20 -17.82
N ALA E 50 7.53 -11.19 -17.13
CA ALA E 50 7.96 -10.01 -16.39
C ALA E 50 8.35 -8.86 -17.30
N CYS E 51 8.51 -9.11 -18.60
CA CYS E 51 9.10 -8.11 -19.47
C CYS E 51 8.27 -7.77 -20.70
N SER E 52 7.13 -8.40 -20.91
CA SER E 52 6.40 -8.27 -22.17
C SER E 52 4.92 -8.46 -21.92
N GLY E 53 4.11 -7.54 -22.45
CA GLY E 53 2.67 -7.68 -22.32
C GLY E 53 2.12 -8.86 -23.12
N LEU E 54 2.67 -9.06 -24.33
CA LEU E 54 2.25 -10.20 -25.14
C LEU E 54 2.50 -11.51 -24.41
N PHE E 55 3.71 -11.71 -23.92
CA PHE E 55 4.02 -12.95 -23.23
C PHE E 55 3.21 -13.10 -21.93
N TYR E 56 2.98 -11.99 -21.21
CA TYR E 56 2.12 -12.08 -20.05
C TYR E 56 0.75 -12.63 -20.43
N SER E 57 0.18 -12.12 -21.53
CA SER E 57 -1.11 -12.62 -21.99
CA SER E 57 -1.11 -12.62 -21.99
C SER E 57 -1.02 -14.10 -22.35
N ILE E 58 -0.02 -14.47 -23.14
CA ILE E 58 0.08 -15.84 -23.65
C ILE E 58 0.18 -16.84 -22.51
N PHE E 59 0.96 -16.52 -21.46
CA PHE E 59 1.23 -17.50 -20.41
C PHE E 59 0.25 -17.40 -19.23
N THR E 60 -0.76 -16.52 -19.30
CA THR E 60 -1.72 -16.42 -18.20
C THR E 60 -3.16 -16.71 -18.60
N ASP E 61 -3.62 -16.18 -19.73
CA ASP E 61 -5.00 -16.39 -20.11
C ASP E 61 -5.28 -17.88 -20.28
N GLN E 62 -6.55 -18.27 -20.12
CA GLN E 62 -6.94 -19.64 -20.43
C GLN E 62 -6.50 -20.07 -21.83
N LEU E 63 -5.94 -19.16 -22.62
CA LEU E 63 -5.33 -19.49 -23.91
C LEU E 63 -4.02 -20.24 -23.68
N LYS E 64 -3.36 -20.56 -24.79
CA LYS E 64 -2.22 -21.47 -24.82
C LYS E 64 -1.09 -21.05 -23.89
N ARG E 65 -1.26 -21.29 -22.58
CA ARG E 65 -0.30 -20.86 -21.58
C ARG E 65 0.63 -21.97 -21.12
N ASN E 66 0.32 -23.22 -21.39
CA ASN E 66 1.18 -24.34 -21.05
C ASN E 66 2.01 -24.80 -22.24
N LEU E 67 1.94 -24.10 -23.37
CA LEU E 67 2.68 -24.49 -24.56
C LEU E 67 4.17 -24.33 -24.31
N SER E 68 4.94 -25.37 -24.65
CA SER E 68 6.39 -25.32 -24.55
C SER E 68 7.05 -24.79 -25.81
N VAL E 69 6.32 -24.67 -26.91
CA VAL E 69 6.82 -24.14 -28.17
C VAL E 69 5.86 -23.06 -28.62
N ILE E 70 6.34 -21.82 -28.71
CA ILE E 70 5.52 -20.66 -29.07
C ILE E 70 6.04 -20.09 -30.37
N ASN E 71 5.15 -19.90 -31.33
CA ASN E 71 5.48 -19.33 -32.63
C ASN E 71 5.00 -17.89 -32.69
N LEU E 72 5.94 -16.96 -32.88
CA LEU E 72 5.59 -15.55 -33.04
C LEU E 72 5.10 -15.29 -34.46
N ASP E 73 4.52 -14.11 -34.65
CA ASP E 73 4.03 -13.71 -35.97
CA ASP E 73 4.03 -13.71 -35.97
C ASP E 73 5.18 -13.84 -37.00
N PRO E 74 4.90 -14.38 -38.19
CA PRO E 74 5.99 -14.57 -39.16
C PRO E 74 6.75 -13.30 -39.51
N GLU E 75 6.10 -12.12 -39.48
CA GLU E 75 6.81 -10.90 -39.84
C GLU E 75 7.87 -10.52 -38.81
N ILE E 76 7.89 -11.16 -37.64
CA ILE E 76 8.89 -10.85 -36.64
C ILE E 76 10.25 -11.38 -37.09
N ASN E 77 11.28 -10.56 -36.93
CA ASN E 77 12.62 -10.87 -37.40
C ASN E 77 13.45 -11.45 -36.26
N PRO E 78 14.21 -12.53 -36.52
CA PRO E 78 14.96 -13.14 -35.41
C PRO E 78 15.98 -12.20 -34.77
N GLU E 79 16.69 -11.41 -35.56
CA GLU E 79 17.69 -10.51 -34.99
C GLU E 79 17.03 -9.54 -34.01
N GLY E 80 15.89 -8.97 -34.39
CA GLY E 80 15.19 -8.09 -33.47
C GLY E 80 14.82 -8.79 -32.18
N PHE E 81 14.28 -10.01 -32.28
CA PHE E 81 13.87 -10.73 -31.08
C PHE E 81 15.06 -11.06 -30.20
N ASN E 82 16.17 -11.50 -30.81
CA ASN E 82 17.35 -11.84 -30.02
C ASN E 82 17.83 -10.64 -29.22
N ILE E 83 17.83 -9.45 -29.84
CA ILE E 83 18.26 -8.24 -29.14
C ILE E 83 17.35 -7.97 -27.95
N LEU E 84 16.04 -8.18 -28.13
CA LEU E 84 15.10 -7.93 -27.05
C LEU E 84 15.17 -9.01 -25.99
N LEU E 85 15.47 -10.26 -26.38
CA LEU E 85 15.65 -11.30 -25.38
C LEU E 85 16.89 -11.02 -24.54
N ASP E 86 17.97 -10.61 -25.19
CA ASP E 86 19.16 -10.22 -24.46
C ASP E 86 18.84 -9.08 -23.49
N PHE E 87 18.13 -8.05 -23.96
CA PHE E 87 17.75 -6.95 -23.08
C PHE E 87 16.96 -7.45 -21.87
N MET E 88 15.96 -8.30 -22.13
CA MET E 88 15.15 -8.86 -21.05
C MET E 88 16.03 -9.40 -19.92
N TYR E 89 17.07 -10.13 -20.27
CA TYR E 89 17.89 -10.83 -19.30
C TYR E 89 19.10 -10.04 -18.84
N THR E 90 19.28 -8.82 -19.34
CA THR E 90 20.45 -8.02 -18.98
C THR E 90 20.14 -6.58 -18.59
N SER E 91 19.03 -6.01 -19.03
CA SER E 91 18.65 -4.61 -18.87
C SER E 91 19.39 -3.73 -19.87
N ARG E 92 20.09 -4.33 -20.83
N ARG E 92 20.09 -4.32 -20.84
CA ARG E 92 20.91 -3.62 -21.81
CA ARG E 92 20.90 -3.56 -21.79
C ARG E 92 20.32 -3.80 -23.20
C ARG E 92 20.37 -3.80 -23.20
N LEU E 93 20.06 -2.70 -23.89
CA LEU E 93 19.54 -2.71 -25.25
C LEU E 93 20.65 -2.24 -26.18
N ASN E 94 20.98 -3.06 -27.17
CA ASN E 94 22.02 -2.76 -28.15
C ASN E 94 21.36 -2.33 -29.45
N LEU E 95 21.26 -1.03 -29.66
CA LEU E 95 20.57 -0.47 -30.82
C LEU E 95 21.58 -0.12 -31.92
N ARG E 96 21.20 -0.39 -33.16
CA ARG E 96 22.02 -0.09 -34.32
C ARG E 96 21.14 0.48 -35.42
N GLU E 97 21.75 1.29 -36.28
CA GLU E 97 21.01 1.82 -37.44
C GLU E 97 20.48 0.69 -38.31
N GLY E 98 21.25 -0.40 -38.43
CA GLY E 98 20.86 -1.51 -39.29
C GLY E 98 19.81 -2.43 -38.71
N ASN E 99 19.43 -2.26 -37.45
CA ASN E 99 18.41 -3.09 -36.84
C ASN E 99 17.35 -2.32 -36.06
N ILE E 100 17.46 -1.00 -35.97
CA ILE E 100 16.56 -0.27 -35.08
C ILE E 100 15.11 -0.41 -35.52
N MET E 101 14.86 -0.55 -36.83
CA MET E 101 13.49 -0.81 -37.27
C MET E 101 13.01 -2.18 -36.77
N ALA E 102 13.85 -3.21 -36.93
CA ALA E 102 13.50 -4.54 -36.46
C ALA E 102 13.27 -4.54 -34.97
N VAL E 103 14.15 -3.88 -34.20
CA VAL E 103 14.01 -3.86 -32.75
C VAL E 103 12.69 -3.19 -32.36
N MET E 104 12.43 -2.00 -32.91
CA MET E 104 11.23 -1.28 -32.56
C MET E 104 9.98 -2.08 -32.91
N ALA E 105 9.91 -2.58 -34.15
CA ALA E 105 8.76 -3.38 -34.56
C ALA E 105 8.57 -4.57 -33.63
N THR E 106 9.65 -5.22 -33.22
CA THR E 106 9.53 -6.38 -32.36
C THR E 106 9.05 -5.96 -30.96
N ALA E 107 9.54 -4.83 -30.47
CA ALA E 107 9.14 -4.37 -29.15
C ALA E 107 7.66 -3.98 -29.14
N MET E 108 7.18 -3.34 -30.21
CA MET E 108 5.78 -3.02 -30.32
C MET E 108 4.94 -4.29 -30.27
N TYR E 109 5.34 -5.31 -31.04
CA TYR E 109 4.62 -6.58 -31.03
C TYR E 109 4.62 -7.21 -29.66
N LEU E 110 5.78 -7.24 -28.99
CA LEU E 110 5.87 -7.85 -27.67
C LEU E 110 5.23 -7.00 -26.58
N GLN E 111 4.86 -5.76 -26.89
CA GLN E 111 4.24 -4.84 -25.93
C GLN E 111 5.20 -4.49 -24.79
N MET E 112 6.28 -3.80 -25.17
CA MET E 112 7.34 -3.36 -24.26
C MET E 112 7.49 -1.87 -24.49
N GLU E 113 6.73 -1.07 -23.72
CA GLU E 113 6.58 0.35 -24.04
C GLU E 113 7.91 1.08 -23.92
N HIS E 114 8.68 0.79 -22.87
CA HIS E 114 9.90 1.56 -22.63
C HIS E 114 10.88 1.42 -23.79
N VAL E 115 11.04 0.21 -24.32
CA VAL E 115 11.95 0.04 -25.44
C VAL E 115 11.42 0.75 -26.67
N VAL E 116 10.11 0.64 -26.93
CA VAL E 116 9.53 1.33 -28.07
C VAL E 116 9.88 2.82 -28.02
N ASP E 117 9.61 3.43 -26.87
CA ASP E 117 9.93 4.85 -26.69
C ASP E 117 11.42 5.11 -26.91
N THR E 118 12.28 4.27 -26.33
CA THR E 118 13.72 4.44 -26.52
C THR E 118 14.09 4.36 -27.99
N CYS E 119 13.49 3.42 -28.72
CA CYS E 119 13.74 3.34 -30.17
C CYS E 119 13.32 4.63 -30.87
N ARG E 120 12.13 5.14 -30.55
CA ARG E 120 11.67 6.37 -31.19
C ARG E 120 12.66 7.50 -31.00
N LYS E 121 13.17 7.65 -29.78
CA LYS E 121 14.14 8.71 -29.50
C LYS E 121 15.42 8.49 -30.29
N PHE E 122 15.90 7.24 -30.34
CA PHE E 122 17.09 6.93 -31.11
C PHE E 122 16.91 7.29 -32.58
N ILE E 123 15.70 7.06 -33.11
CA ILE E 123 15.46 7.36 -34.52
C ILE E 123 15.51 8.87 -34.75
N LYS E 124 14.80 9.64 -33.93
CA LYS E 124 14.89 11.09 -34.01
C LYS E 124 16.34 11.55 -33.94
N ALA E 125 17.07 11.07 -32.92
CA ALA E 125 18.47 11.49 -32.76
C ALA E 125 19.25 11.34 -34.06
N SER E 126 19.07 10.24 -34.77
CA SER E 126 19.79 10.01 -36.02
C SER E 126 19.02 10.64 -37.19
N SER F 5 24.91 1.60 -30.07
CA SER F 5 24.41 2.41 -28.96
C SER F 5 23.77 1.53 -27.89
N GLN F 6 24.50 1.29 -26.80
CA GLN F 6 23.97 0.53 -25.69
C GLN F 6 23.17 1.46 -24.77
N ILE F 7 21.94 1.07 -24.45
CA ILE F 7 21.08 1.83 -23.56
C ILE F 7 20.82 0.97 -22.33
N GLN F 8 21.10 1.54 -21.16
CA GLN F 8 20.99 0.82 -19.89
C GLN F 8 19.70 1.26 -19.19
N PHE F 9 18.80 0.31 -18.96
CA PHE F 9 17.55 0.56 -18.25
C PHE F 9 17.81 0.36 -16.76
N THR F 10 17.80 1.45 -15.99
CA THR F 10 18.37 1.42 -14.65
C THR F 10 17.49 0.74 -13.61
N ARG F 11 16.17 0.62 -13.84
CA ARG F 11 15.31 -0.09 -12.92
C ARG F 11 14.69 -1.35 -13.52
N HIS F 12 15.19 -1.78 -14.69
CA HIS F 12 14.64 -2.98 -15.32
C HIS F 12 14.80 -4.20 -14.40
N ALA F 13 16.00 -4.41 -13.86
CA ALA F 13 16.20 -5.59 -13.03
C ALA F 13 15.28 -5.55 -11.82
N SER F 14 15.15 -4.37 -11.18
CA SER F 14 14.27 -4.24 -10.02
CA SER F 14 14.27 -4.23 -10.03
C SER F 14 12.83 -4.55 -10.40
N ASP F 15 12.38 -4.08 -11.57
CA ASP F 15 10.99 -4.32 -11.95
C ASP F 15 10.77 -5.78 -12.28
N VAL F 16 11.72 -6.43 -12.96
CA VAL F 16 11.62 -7.86 -13.20
C VAL F 16 11.42 -8.61 -11.88
N LEU F 17 12.25 -8.31 -10.89
CA LEU F 17 12.16 -9.01 -9.61
C LEU F 17 10.83 -8.74 -8.93
N LEU F 18 10.36 -7.49 -8.92
CA LEU F 18 9.07 -7.19 -8.31
C LEU F 18 7.94 -7.88 -9.08
N ASN F 19 8.06 -7.99 -10.40
CA ASN F 19 7.05 -8.70 -11.18
C ASN F 19 7.07 -10.18 -10.87
N LEU F 20 8.27 -10.76 -10.72
CA LEU F 20 8.35 -12.15 -10.29
C LEU F 20 7.70 -12.33 -8.93
N ASN F 21 7.87 -11.36 -8.03
CA ASN F 21 7.25 -11.46 -6.72
C ASN F 21 5.72 -11.56 -6.82
N ARG F 22 5.13 -10.81 -7.76
CA ARG F 22 3.68 -10.86 -7.92
C ARG F 22 3.24 -12.13 -8.61
N LEU F 23 4.06 -12.67 -9.51
CA LEU F 23 3.78 -14.00 -10.03
C LEU F 23 3.71 -15.01 -8.89
N ARG F 24 4.62 -14.87 -7.91
CA ARG F 24 4.59 -15.77 -6.77
C ARG F 24 3.34 -15.56 -5.91
N SER F 25 2.93 -14.29 -5.73
CA SER F 25 1.75 -14.03 -4.92
C SER F 25 0.50 -14.59 -5.59
N ARG F 26 0.43 -14.55 -6.93
CA ARG F 26 -0.67 -15.19 -7.64
C ARG F 26 -0.46 -16.68 -7.80
N ASP F 27 0.70 -17.22 -7.40
CA ASP F 27 1.02 -18.64 -7.59
C ASP F 27 1.08 -18.98 -9.07
N ILE F 28 1.56 -18.05 -9.89
CA ILE F 28 1.69 -18.28 -11.33
C ILE F 28 3.06 -18.87 -11.62
N LEU F 29 3.07 -20.04 -12.24
CA LEU F 29 4.26 -20.73 -12.74
C LEU F 29 5.25 -21.11 -11.64
N THR F 30 4.87 -21.00 -10.37
CA THR F 30 5.65 -21.62 -9.31
C THR F 30 5.80 -23.11 -9.59
N ASP F 31 6.98 -23.65 -9.29
CA ASP F 31 7.27 -25.04 -9.64
C ASP F 31 7.92 -25.81 -8.50
N VAL F 32 7.78 -25.34 -7.26
CA VAL F 32 8.36 -26.05 -6.13
C VAL F 32 7.68 -25.60 -4.85
N VAL F 33 7.58 -26.51 -3.89
CA VAL F 33 7.15 -26.21 -2.53
C VAL F 33 8.31 -26.46 -1.61
N ILE F 34 8.63 -25.48 -0.78
CA ILE F 34 9.66 -25.63 0.24
C ILE F 34 8.97 -25.91 1.56
N VAL F 35 9.30 -27.03 2.20
CA VAL F 35 8.68 -27.45 3.49
C VAL F 35 9.62 -27.11 4.64
N VAL F 36 9.33 -26.04 5.39
CA VAL F 36 10.13 -25.64 6.58
C VAL F 36 9.29 -26.06 7.78
N SER F 37 9.81 -26.90 8.67
CA SER F 37 9.02 -27.47 9.80
C SER F 37 7.82 -28.17 9.16
N ARG F 38 6.62 -27.61 9.24
CA ARG F 38 5.43 -28.16 8.56
C ARG F 38 4.82 -27.04 7.71
N GLU F 39 5.45 -25.86 7.69
CA GLU F 39 4.97 -24.70 6.89
C GLU F 39 5.45 -24.87 5.44
N GLN F 40 4.55 -24.72 4.47
CA GLN F 40 4.87 -24.91 3.04
C GLN F 40 4.98 -23.54 2.35
N PHE F 41 5.94 -23.37 1.46
CA PHE F 41 6.19 -22.11 0.75
C PHE F 41 6.37 -22.41 -0.72
N ARG F 42 5.53 -21.81 -1.56
CA ARG F 42 5.60 -21.99 -3.00
C ARG F 42 6.52 -20.94 -3.57
N ALA F 43 7.37 -21.34 -4.51
CA ALA F 43 8.33 -20.42 -5.10
C ALA F 43 8.72 -20.91 -6.49
N HIS F 44 9.56 -20.11 -7.16
CA HIS F 44 10.15 -20.46 -8.45
C HIS F 44 11.58 -20.92 -8.23
N LYS F 45 11.91 -22.11 -8.77
CA LYS F 45 13.26 -22.66 -8.56
C LYS F 45 14.34 -21.73 -9.09
N THR F 46 14.08 -21.04 -10.20
CA THR F 46 15.07 -20.13 -10.77
C THR F 46 15.47 -19.05 -9.77
N VAL F 47 14.47 -18.41 -9.14
CA VAL F 47 14.79 -17.38 -8.17
C VAL F 47 15.55 -17.97 -7.00
N LEU F 48 15.12 -19.14 -6.53
CA LEU F 48 15.82 -19.81 -5.45
C LEU F 48 17.29 -20.07 -5.79
N MET F 49 17.55 -20.60 -6.99
CA MET F 49 18.92 -20.83 -7.42
C MET F 49 19.70 -19.52 -7.49
N ALA F 50 19.03 -18.42 -7.87
CA ALA F 50 19.69 -17.15 -8.05
C ALA F 50 20.08 -16.52 -6.72
N CYS F 51 19.51 -16.97 -5.60
CA CYS F 51 19.65 -16.27 -4.34
C CYS F 51 20.28 -17.09 -3.21
N SER F 52 20.58 -18.37 -3.43
CA SER F 52 20.88 -19.27 -2.33
C SER F 52 21.87 -20.33 -2.77
N GLY F 53 22.97 -20.44 -2.03
CA GLY F 53 23.93 -21.51 -2.28
C GLY F 53 23.33 -22.87 -2.11
N LEU F 54 22.41 -23.03 -1.15
CA LEU F 54 21.81 -24.32 -0.90
C LEU F 54 20.90 -24.74 -2.05
N PHE F 55 19.98 -23.85 -2.45
CA PHE F 55 19.06 -24.22 -3.52
C PHE F 55 19.78 -24.35 -4.85
N TYR F 56 20.86 -23.60 -5.04
CA TYR F 56 21.64 -23.76 -6.25
C TYR F 56 22.27 -25.15 -6.31
N SER F 57 22.95 -25.56 -5.23
CA SER F 57 23.59 -26.87 -5.22
CA SER F 57 23.60 -26.88 -5.24
C SER F 57 22.58 -27.99 -5.45
N ILE F 58 21.33 -27.78 -5.04
CA ILE F 58 20.32 -28.81 -5.20
C ILE F 58 19.84 -28.90 -6.64
N PHE F 59 19.45 -27.78 -7.24
CA PHE F 59 18.77 -27.79 -8.51
C PHE F 59 19.70 -27.81 -9.71
N THR F 60 21.01 -27.59 -9.52
CA THR F 60 21.92 -27.78 -10.65
C THR F 60 22.05 -29.26 -11.00
N ASP F 61 22.00 -30.13 -9.99
CA ASP F 61 21.96 -31.57 -10.24
C ASP F 61 20.85 -31.88 -11.23
N GLN F 62 21.21 -32.36 -12.43
CA GLN F 62 20.20 -32.69 -13.43
C GLN F 62 19.06 -33.51 -12.83
N LEU F 63 19.36 -34.36 -11.85
CA LEU F 63 18.35 -35.24 -11.29
C LEU F 63 17.36 -34.47 -10.42
N LYS F 64 17.86 -33.73 -9.44
CA LYS F 64 16.98 -33.10 -8.46
C LYS F 64 16.22 -31.90 -9.03
N ARG F 65 16.56 -31.45 -10.24
CA ARG F 65 15.89 -30.29 -10.82
C ARG F 65 14.41 -30.56 -11.08
N ASN F 66 14.00 -31.82 -11.17
CA ASN F 66 12.61 -32.15 -11.44
C ASN F 66 11.75 -32.16 -10.19
N LEU F 67 12.36 -32.24 -9.01
CA LEU F 67 11.60 -32.35 -7.77
C LEU F 67 10.69 -31.14 -7.58
N SER F 68 9.47 -31.42 -7.13
CA SER F 68 8.48 -30.38 -6.86
C SER F 68 8.34 -30.10 -5.37
N VAL F 69 9.03 -30.87 -4.52
CA VAL F 69 8.95 -30.71 -3.07
C VAL F 69 10.34 -30.86 -2.50
N ILE F 70 10.74 -29.91 -1.64
CA ILE F 70 12.04 -29.93 -0.97
C ILE F 70 11.80 -29.66 0.50
N ASN F 71 12.29 -30.55 1.36
CA ASN F 71 12.10 -30.45 2.80
C ASN F 71 13.40 -30.03 3.46
N LEU F 72 13.37 -28.92 4.20
CA LEU F 72 14.57 -28.43 4.87
C LEU F 72 14.74 -29.13 6.22
N ASP F 73 15.95 -29.04 6.77
CA ASP F 73 16.25 -29.70 8.04
C ASP F 73 15.29 -29.21 9.13
N PRO F 74 14.93 -30.08 10.07
CA PRO F 74 13.96 -29.67 11.10
C PRO F 74 14.40 -28.48 11.93
N GLU F 75 15.70 -28.28 12.11
CA GLU F 75 16.16 -27.14 12.89
C GLU F 75 15.87 -25.81 12.23
N ILE F 76 15.50 -25.80 10.94
CA ILE F 76 15.19 -24.56 10.25
C ILE F 76 13.83 -24.04 10.71
N ASN F 77 13.76 -22.73 10.95
CA ASN F 77 12.57 -22.09 11.50
C ASN F 77 11.71 -21.50 10.39
N PRO F 78 10.40 -21.73 10.41
CA PRO F 78 9.57 -21.20 9.30
C PRO F 78 9.56 -19.67 9.22
N GLU F 79 9.48 -18.98 10.35
CA GLU F 79 9.44 -17.51 10.31
C GLU F 79 10.69 -16.94 9.66
N GLY F 80 11.85 -17.53 9.97
CA GLY F 80 13.08 -17.07 9.33
C GLY F 80 13.08 -17.29 7.84
N PHE F 81 12.52 -18.42 7.40
CA PHE F 81 12.51 -18.70 5.96
C PHE F 81 11.57 -17.74 5.23
N ASN F 82 10.40 -17.46 5.81
CA ASN F 82 9.47 -16.54 5.17
C ASN F 82 10.12 -15.18 4.94
N ILE F 83 10.85 -14.68 5.94
CA ILE F 83 11.52 -13.38 5.82
C ILE F 83 12.53 -13.42 4.69
N LEU F 84 13.30 -14.51 4.59
CA LEU F 84 14.32 -14.57 3.55
C LEU F 84 13.71 -14.79 2.17
N LEU F 85 12.62 -15.56 2.09
CA LEU F 85 11.94 -15.73 0.81
C LEU F 85 11.39 -14.42 0.28
N ASP F 86 10.84 -13.58 1.17
CA ASP F 86 10.40 -12.25 0.74
C ASP F 86 11.58 -11.41 0.31
N PHE F 87 12.71 -11.53 1.01
CA PHE F 87 13.91 -10.80 0.62
C PHE F 87 14.35 -11.21 -0.78
N MET F 88 14.38 -12.50 -1.04
CA MET F 88 14.78 -13.01 -2.34
C MET F 88 14.02 -12.32 -3.45
N TYR F 89 12.70 -12.14 -3.27
CA TYR F 89 11.83 -11.63 -4.31
C TYR F 89 11.64 -10.12 -4.26
N THR F 90 12.23 -9.43 -3.28
CA THR F 90 12.04 -7.98 -3.16
C THR F 90 13.32 -7.20 -2.93
N SER F 91 14.40 -7.83 -2.50
CA SER F 91 15.65 -7.19 -2.12
C SER F 91 15.53 -6.42 -0.80
N ARG F 92 14.39 -6.50 -0.11
CA ARG F 92 14.16 -5.83 1.16
C ARG F 92 14.18 -6.84 2.29
N LEU F 93 14.78 -6.45 3.42
CA LEU F 93 14.86 -7.32 4.59
C LEU F 93 14.67 -6.46 5.83
N ASN F 94 13.65 -6.75 6.62
CA ASN F 94 13.37 -6.01 7.84
C ASN F 94 13.89 -6.83 9.02
N LEU F 95 15.05 -6.44 9.54
CA LEU F 95 15.64 -7.13 10.68
C LEU F 95 15.24 -6.43 11.97
N ARG F 96 14.85 -7.22 12.97
CA ARG F 96 14.45 -6.71 14.26
C ARG F 96 14.93 -7.66 15.35
N GLU F 97 15.02 -7.14 16.57
CA GLU F 97 15.52 -7.94 17.68
C GLU F 97 14.79 -9.28 17.80
N GLY F 98 13.49 -9.30 17.48
CA GLY F 98 12.72 -10.51 17.64
C GLY F 98 12.94 -11.56 16.58
N ASN F 99 13.46 -11.17 15.42
CA ASN F 99 13.72 -12.12 14.34
C ASN F 99 15.16 -12.11 13.86
N ILE F 100 16.00 -11.24 14.42
CA ILE F 100 17.36 -11.06 13.91
C ILE F 100 18.07 -12.40 13.78
N MET F 101 18.22 -13.09 14.89
CA MET F 101 19.02 -14.31 14.86
C MET F 101 18.32 -15.43 14.10
N ALA F 102 16.99 -15.42 14.01
CA ALA F 102 16.31 -16.45 13.24
C ALA F 102 16.56 -16.27 11.74
N VAL F 103 16.55 -15.02 11.27
CA VAL F 103 16.98 -14.73 9.91
C VAL F 103 18.42 -15.19 9.71
N MET F 104 19.29 -14.90 10.67
CA MET F 104 20.70 -15.24 10.52
C MET F 104 20.89 -16.75 10.43
N ALA F 105 20.30 -17.50 11.36
CA ALA F 105 20.44 -18.95 11.33
C ALA F 105 19.93 -19.53 10.01
N THR F 106 18.82 -18.99 9.51
CA THR F 106 18.28 -19.48 8.25
C THR F 106 19.13 -19.05 7.07
N ALA F 107 19.64 -17.81 7.10
CA ALA F 107 20.52 -17.36 6.05
C ALA F 107 21.77 -18.22 5.98
N MET F 108 22.29 -18.62 7.14
CA MET F 108 23.44 -19.51 7.16
C MET F 108 23.10 -20.84 6.50
N TYR F 109 21.96 -21.41 6.86
CA TYR F 109 21.54 -22.67 6.27
C TYR F 109 21.36 -22.53 4.75
N LEU F 110 20.77 -21.43 4.30
CA LEU F 110 20.53 -21.26 2.88
C LEU F 110 21.77 -20.83 2.11
N GLN F 111 22.85 -20.51 2.81
CA GLN F 111 24.10 -20.10 2.19
C GLN F 111 23.94 -18.78 1.43
N MET F 112 23.53 -17.76 2.17
CA MET F 112 23.35 -16.41 1.66
C MET F 112 24.29 -15.48 2.43
N GLU F 113 25.45 -15.21 1.83
CA GLU F 113 26.54 -14.61 2.58
C GLU F 113 26.25 -13.17 2.95
N HIS F 114 25.61 -12.41 2.05
CA HIS F 114 25.39 -11.00 2.32
C HIS F 114 24.42 -10.81 3.50
N VAL F 115 23.34 -11.58 3.53
CA VAL F 115 22.40 -11.47 4.65
C VAL F 115 23.07 -11.89 5.95
N VAL F 116 23.82 -13.00 5.94
CA VAL F 116 24.54 -13.43 7.14
C VAL F 116 25.41 -12.29 7.67
N ASP F 117 26.20 -11.68 6.78
CA ASP F 117 27.10 -10.61 7.20
C ASP F 117 26.33 -9.41 7.73
N THR F 118 25.19 -9.10 7.09
CA THR F 118 24.35 -8.01 7.58
C THR F 118 23.82 -8.32 8.97
N CYS F 119 23.39 -9.57 9.19
CA CYS F 119 22.91 -9.97 10.51
C CYS F 119 24.01 -9.85 11.57
N ARG F 120 25.24 -10.24 11.23
CA ARG F 120 26.32 -10.14 12.19
C ARG F 120 26.54 -8.70 12.61
N LYS F 121 26.59 -7.78 11.65
CA LYS F 121 26.76 -6.38 11.97
C LYS F 121 25.60 -5.85 12.81
N PHE F 122 24.41 -6.41 12.62
CA PHE F 122 23.27 -6.02 13.45
C PHE F 122 23.51 -6.39 14.91
N ILE F 123 24.18 -7.51 15.15
CA ILE F 123 24.41 -7.95 16.52
C ILE F 123 25.51 -7.12 17.16
N LYS F 124 26.63 -6.93 16.45
CA LYS F 124 27.70 -6.10 16.98
C LYS F 124 27.18 -4.72 17.39
N ALA F 125 26.35 -4.11 16.55
CA ALA F 125 25.83 -2.78 16.85
C ALA F 125 24.96 -2.78 18.09
N SER F 126 24.31 -3.89 18.40
CA SER F 126 23.55 -4.02 19.63
C SER F 126 24.39 -4.72 20.69
#